data_1Y1C
#
_entry.id   1Y1C
#
_entity_poly.entity_id   1
_entity_poly.type   'polypeptide(L)'
_entity_poly.pdbx_seq_one_letter_code
;KPDAPCICTMQYDPVCGSDGITYGNACMLLCASARSDTPIELVHKGRC
;
_entity_poly.pdbx_strand_id   A
#
# COMPACT_ATOMS: atom_id res chain seq x y z
N LYS A 1 -1.74 -3.71 -13.18
CA LYS A 1 -2.99 -2.92 -13.05
C LYS A 1 -2.71 -1.42 -13.16
N PRO A 2 -3.71 -0.64 -13.60
CA PRO A 2 -3.57 0.81 -13.76
C PRO A 2 -3.55 1.53 -12.41
N ASP A 3 -3.36 2.84 -12.45
CA ASP A 3 -3.32 3.64 -11.23
C ASP A 3 -4.68 3.66 -10.55
N ALA A 4 -4.70 3.24 -9.29
CA ALA A 4 -5.94 3.20 -8.51
C ALA A 4 -5.87 4.16 -7.34
N PRO A 5 -6.70 5.22 -7.37
CA PRO A 5 -6.74 6.22 -6.29
C PRO A 5 -6.67 5.57 -4.92
N CYS A 6 -5.91 6.18 -4.02
CA CYS A 6 -5.75 5.64 -2.68
C CYS A 6 -6.75 6.26 -1.71
N ILE A 7 -8.01 6.13 -2.07
CA ILE A 7 -9.09 6.64 -1.24
C ILE A 7 -10.15 5.57 -1.09
N CYS A 8 -9.74 4.42 -0.58
CA CYS A 8 -10.63 3.30 -0.38
C CYS A 8 -11.45 3.50 0.88
N THR A 9 -10.79 4.00 1.91
CA THR A 9 -11.43 4.26 3.19
C THR A 9 -10.46 4.96 4.12
N MET A 10 -10.83 5.00 5.39
CA MET A 10 -9.99 5.59 6.42
C MET A 10 -9.72 4.56 7.50
N GLN A 11 -9.95 3.29 7.15
CA GLN A 11 -9.74 2.18 8.05
C GLN A 11 -8.24 1.93 8.23
N TYR A 12 -7.55 2.96 8.70
CA TYR A 12 -6.11 2.91 8.91
C TYR A 12 -5.61 1.48 9.14
N ASP A 13 -5.36 0.77 8.05
CA ASP A 13 -4.84 -0.58 8.10
C ASP A 13 -3.45 -0.61 7.51
N PRO A 14 -2.51 0.09 8.16
CA PRO A 14 -1.13 0.20 7.71
C PRO A 14 -0.52 -1.16 7.43
N VAL A 15 -0.51 -1.54 6.16
CA VAL A 15 0.04 -2.80 5.74
C VAL A 15 1.44 -2.61 5.18
N CYS A 16 2.36 -3.39 5.72
CA CYS A 16 3.73 -3.33 5.30
C CYS A 16 3.93 -4.07 3.99
N GLY A 17 4.42 -3.35 2.99
CA GLY A 17 4.64 -3.96 1.70
C GLY A 17 6.08 -4.06 1.32
N SER A 18 6.42 -5.17 0.67
CA SER A 18 7.76 -5.45 0.22
C SER A 18 8.38 -4.19 -0.33
N ASP A 19 9.16 -3.56 0.53
CA ASP A 19 9.84 -2.31 0.22
C ASP A 19 10.21 -1.63 1.53
N GLY A 20 9.50 -2.00 2.59
CA GLY A 20 9.76 -1.42 3.90
C GLY A 20 8.85 -0.24 4.15
N ILE A 21 7.71 -0.23 3.47
CA ILE A 21 6.78 0.88 3.64
C ILE A 21 5.43 0.42 4.20
N THR A 22 5.02 1.02 5.30
CA THR A 22 3.74 0.70 5.92
C THR A 22 2.64 1.52 5.28
N TYR A 23 1.94 0.94 4.34
CA TYR A 23 0.88 1.62 3.62
C TYR A 23 -0.42 1.67 4.43
N GLY A 24 -0.91 2.89 4.63
CA GLY A 24 -2.14 3.11 5.39
C GLY A 24 -3.17 2.04 5.13
N ASN A 25 -3.10 1.45 3.94
CA ASN A 25 -4.02 0.40 3.56
C ASN A 25 -3.64 -0.19 2.20
N ALA A 26 -4.05 -1.43 1.97
CA ALA A 26 -3.75 -2.12 0.71
C ALA A 26 -4.09 -1.25 -0.48
N CYS A 27 -4.98 -0.29 -0.27
CA CYS A 27 -5.38 0.63 -1.32
C CYS A 27 -4.36 1.76 -1.41
N MET A 28 -4.01 2.32 -0.27
CA MET A 28 -2.97 3.34 -0.26
C MET A 28 -1.83 2.77 -1.07
N LEU A 29 -1.67 1.46 -0.89
CA LEU A 29 -0.68 0.69 -1.60
C LEU A 29 -0.88 0.88 -3.08
N LEU A 30 -2.12 0.70 -3.50
CA LEU A 30 -2.48 0.88 -4.89
C LEU A 30 -1.89 2.20 -5.37
N CYS A 31 -1.78 3.16 -4.45
CA CYS A 31 -1.21 4.46 -4.81
C CYS A 31 0.30 4.30 -4.97
N ALA A 32 0.86 3.43 -4.14
CA ALA A 32 2.28 3.15 -4.17
C ALA A 32 2.65 2.42 -5.46
N SER A 33 2.02 1.28 -5.67
CA SER A 33 2.27 0.50 -6.88
C SER A 33 1.90 1.30 -8.12
N ALA A 34 1.13 2.37 -7.92
CA ALA A 34 0.69 3.22 -9.03
C ALA A 34 1.65 4.38 -9.29
N ARG A 35 2.20 4.96 -8.23
CA ARG A 35 3.11 6.10 -8.40
C ARG A 35 4.16 6.16 -7.29
N SER A 36 4.74 5.02 -6.93
CA SER A 36 5.75 4.98 -5.89
C SER A 36 7.16 5.01 -6.49
N ASP A 37 7.63 3.85 -6.94
CA ASP A 37 8.94 3.72 -7.54
C ASP A 37 9.16 2.30 -8.06
N THR A 38 8.67 1.34 -7.29
CA THR A 38 8.79 -0.07 -7.67
C THR A 38 7.55 -0.83 -7.22
N PRO A 39 7.24 -1.94 -7.90
CA PRO A 39 6.07 -2.77 -7.58
C PRO A 39 6.18 -3.44 -6.22
N ILE A 40 5.88 -2.70 -5.16
CA ILE A 40 5.95 -3.25 -3.82
C ILE A 40 5.11 -4.52 -3.72
N GLU A 41 5.25 -5.24 -2.61
CA GLU A 41 4.50 -6.48 -2.43
C GLU A 41 4.18 -6.75 -0.97
N LEU A 42 2.94 -6.45 -0.57
CA LEU A 42 2.50 -6.66 0.81
C LEU A 42 3.22 -7.84 1.44
N VAL A 43 3.42 -7.76 2.74
CA VAL A 43 4.10 -8.83 3.46
C VAL A 43 3.54 -9.01 4.87
N HIS A 44 3.18 -7.91 5.51
CA HIS A 44 2.63 -7.97 6.87
C HIS A 44 1.64 -6.84 7.10
N LYS A 45 0.42 -7.20 7.41
CA LYS A 45 -0.64 -6.21 7.65
C LYS A 45 -0.41 -5.46 8.96
N GLY A 46 0.66 -4.68 9.00
CA GLY A 46 0.98 -3.90 10.19
C GLY A 46 2.24 -3.09 9.99
N ARG A 47 2.85 -2.68 11.08
CA ARG A 47 4.08 -1.89 11.01
C ARG A 47 5.30 -2.80 10.99
N CYS A 48 5.31 -3.74 10.05
CA CYS A 48 6.42 -4.66 9.93
C CYS A 48 6.88 -5.17 11.28
N LYS A 1 -8.30 -4.02 -12.78
CA LYS A 1 -7.26 -5.01 -13.19
C LYS A 1 -5.87 -4.58 -12.74
N PRO A 2 -5.41 -3.42 -13.22
CA PRO A 2 -4.09 -2.89 -12.87
C PRO A 2 -4.05 -2.34 -11.44
N ASP A 3 -3.00 -1.57 -11.15
CA ASP A 3 -2.83 -0.99 -9.81
C ASP A 3 -2.62 0.52 -9.91
N ALA A 4 -3.47 1.28 -9.23
CA ALA A 4 -3.36 2.73 -9.23
C ALA A 4 -4.27 3.35 -8.16
N PRO A 5 -5.57 3.03 -8.19
CA PRO A 5 -6.53 3.56 -7.22
C PRO A 5 -6.16 3.20 -5.79
N CYS A 6 -6.86 3.80 -4.84
CA CYS A 6 -6.59 3.54 -3.43
C CYS A 6 -7.72 4.05 -2.54
N ILE A 7 -8.85 3.36 -2.57
CA ILE A 7 -9.99 3.77 -1.76
C ILE A 7 -10.67 2.57 -1.10
N CYS A 8 -9.94 1.87 -0.24
CA CYS A 8 -10.49 0.73 0.47
C CYS A 8 -11.17 1.20 1.73
N THR A 9 -10.54 2.17 2.39
CA THR A 9 -11.06 2.74 3.61
C THR A 9 -10.23 3.93 4.04
N MET A 10 -10.90 4.93 4.60
CA MET A 10 -10.21 6.12 5.08
C MET A 10 -9.94 5.94 6.56
N GLN A 11 -9.85 4.69 6.99
CA GLN A 11 -9.61 4.37 8.39
C GLN A 11 -8.12 4.41 8.72
N TYR A 12 -7.49 3.25 8.85
CA TYR A 12 -6.07 3.17 9.16
C TYR A 12 -5.59 1.73 9.26
N ASP A 13 -5.49 1.05 8.12
CA ASP A 13 -5.01 -0.31 8.08
C ASP A 13 -3.61 -0.34 7.50
N PRO A 14 -2.62 0.16 8.27
CA PRO A 14 -1.24 0.22 7.82
C PRO A 14 -0.64 -1.15 7.54
N VAL A 15 -0.58 -1.50 6.25
CA VAL A 15 -0.03 -2.77 5.82
C VAL A 15 1.34 -2.57 5.21
N CYS A 16 2.28 -3.34 5.70
CA CYS A 16 3.64 -3.28 5.22
C CYS A 16 3.77 -4.00 3.89
N GLY A 17 4.24 -3.29 2.88
CA GLY A 17 4.37 -3.88 1.58
C GLY A 17 5.80 -4.07 1.16
N SER A 18 6.04 -5.17 0.45
CA SER A 18 7.35 -5.52 -0.05
C SER A 18 8.01 -4.31 -0.66
N ASP A 19 8.84 -3.68 0.15
CA ASP A 19 9.58 -2.48 -0.21
C ASP A 19 10.10 -1.82 1.05
N GLY A 20 9.43 -2.11 2.16
CA GLY A 20 9.81 -1.54 3.44
C GLY A 20 8.96 -0.35 3.79
N ILE A 21 7.75 -0.30 3.21
CA ILE A 21 6.85 0.82 3.46
C ILE A 21 5.55 0.37 4.12
N THR A 22 5.13 1.09 5.14
CA THR A 22 3.88 0.81 5.84
C THR A 22 2.76 1.65 5.24
N TYR A 23 1.98 1.03 4.38
CA TYR A 23 0.88 1.70 3.68
C TYR A 23 -0.37 1.76 4.54
N GLY A 24 -0.85 2.97 4.78
CA GLY A 24 -2.04 3.17 5.58
C GLY A 24 -3.11 2.15 5.27
N ASN A 25 -3.09 1.64 4.06
CA ASN A 25 -4.05 0.64 3.62
C ASN A 25 -3.58 -0.05 2.35
N ALA A 26 -3.91 -1.33 2.21
CA ALA A 26 -3.53 -2.10 1.02
C ALA A 26 -3.91 -1.35 -0.24
N CYS A 27 -4.90 -0.48 -0.11
CA CYS A 27 -5.37 0.34 -1.21
C CYS A 27 -4.40 1.49 -1.38
N MET A 28 -4.11 2.16 -0.28
CA MET A 28 -3.14 3.23 -0.29
C MET A 28 -1.95 2.70 -1.06
N LEU A 29 -1.65 1.44 -0.78
CA LEU A 29 -0.60 0.71 -1.45
C LEU A 29 -0.80 0.81 -2.94
N LEU A 30 -1.96 0.40 -3.38
CA LEU A 30 -2.29 0.45 -4.77
C LEU A 30 -1.95 1.85 -5.29
N CYS A 31 -2.08 2.84 -4.42
CA CYS A 31 -1.73 4.20 -4.78
C CYS A 31 -0.22 4.35 -4.77
N ALA A 32 0.42 3.58 -3.89
CA ALA A 32 1.87 3.57 -3.77
C ALA A 32 2.48 2.99 -5.03
N SER A 33 2.13 1.76 -5.33
CA SER A 33 2.64 1.09 -6.52
C SER A 33 2.42 1.96 -7.75
N ALA A 34 1.38 2.77 -7.71
CA ALA A 34 1.04 3.65 -8.82
C ALA A 34 2.04 4.80 -9.01
N ARG A 35 2.55 5.34 -7.90
CA ARG A 35 3.50 6.45 -7.98
C ARG A 35 4.67 6.28 -7.02
N SER A 36 5.11 5.05 -6.82
CA SER A 36 6.22 4.76 -5.92
C SER A 36 7.56 4.79 -6.65
N ASP A 37 8.03 3.62 -7.07
CA ASP A 37 9.30 3.51 -7.79
C ASP A 37 9.58 2.06 -8.14
N THR A 38 9.16 1.15 -7.26
CA THR A 38 9.34 -0.27 -7.48
C THR A 38 8.08 -1.02 -7.10
N PRO A 39 7.74 -2.08 -7.84
CA PRO A 39 6.53 -2.88 -7.60
C PRO A 39 6.46 -3.41 -6.16
N ILE A 40 5.78 -2.66 -5.30
CA ILE A 40 5.62 -3.03 -3.91
C ILE A 40 4.53 -4.09 -3.80
N GLU A 41 4.66 -4.98 -2.83
CA GLU A 41 3.66 -6.03 -2.65
C GLU A 41 3.61 -6.48 -1.20
N LEU A 42 2.44 -6.26 -0.60
CA LEU A 42 2.18 -6.61 0.79
C LEU A 42 3.11 -7.69 1.31
N VAL A 43 3.44 -7.56 2.59
CA VAL A 43 4.31 -8.50 3.26
C VAL A 43 3.75 -8.84 4.65
N HIS A 44 3.27 -7.82 5.35
CA HIS A 44 2.70 -8.01 6.67
C HIS A 44 1.63 -6.95 6.93
N LYS A 45 0.44 -7.40 7.29
CA LYS A 45 -0.68 -6.50 7.56
C LYS A 45 -0.46 -5.73 8.86
N GLY A 46 0.56 -4.87 8.88
CA GLY A 46 0.85 -4.08 10.05
C GLY A 46 2.07 -3.23 9.85
N ARG A 47 2.67 -2.78 10.94
CA ARG A 47 3.86 -1.95 10.86
C ARG A 47 5.11 -2.80 10.88
N CYS A 48 5.17 -3.76 9.95
CA CYS A 48 6.31 -4.65 9.84
C CYS A 48 6.76 -5.16 11.20
N LYS A 1 -7.62 -4.20 -14.17
CA LYS A 1 -6.38 -4.99 -14.34
C LYS A 1 -5.17 -4.27 -13.76
N PRO A 2 -4.98 -2.99 -14.16
CA PRO A 2 -3.85 -2.18 -13.68
C PRO A 2 -3.81 -2.08 -12.16
N ASP A 3 -3.00 -1.15 -11.66
CA ASP A 3 -2.87 -0.94 -10.21
C ASP A 3 -2.58 0.53 -9.91
N ALA A 4 -3.46 1.15 -9.12
CA ALA A 4 -3.30 2.54 -8.76
C ALA A 4 -4.35 2.95 -7.73
N PRO A 5 -5.65 2.82 -8.08
CA PRO A 5 -6.74 3.17 -7.19
C PRO A 5 -6.51 2.68 -5.77
N CYS A 6 -6.78 3.55 -4.80
CA CYS A 6 -6.59 3.20 -3.39
C CYS A 6 -7.81 3.59 -2.57
N ILE A 7 -8.84 2.76 -2.61
CA ILE A 7 -10.06 3.03 -1.86
C ILE A 7 -10.55 1.81 -1.10
N CYS A 8 -9.68 1.19 -0.32
CA CYS A 8 -10.05 0.03 0.47
C CYS A 8 -10.69 0.48 1.77
N THR A 9 -10.20 1.59 2.27
CA THR A 9 -10.68 2.16 3.52
C THR A 9 -10.10 3.54 3.76
N MET A 10 -10.94 4.47 4.18
CA MET A 10 -10.48 5.81 4.48
C MET A 10 -10.17 5.89 5.96
N GLN A 11 -9.86 4.74 6.56
CA GLN A 11 -9.56 4.67 7.97
C GLN A 11 -8.05 4.71 8.22
N TYR A 12 -7.44 3.55 8.46
CA TYR A 12 -6.02 3.49 8.72
C TYR A 12 -5.57 2.06 8.99
N ASP A 13 -5.46 1.27 7.93
CA ASP A 13 -5.01 -0.11 8.06
C ASP A 13 -3.60 -0.22 7.50
N PRO A 14 -2.64 0.36 8.23
CA PRO A 14 -1.24 0.37 7.81
C PRO A 14 -0.69 -1.03 7.59
N VAL A 15 -0.57 -1.40 6.32
CA VAL A 15 -0.07 -2.69 5.93
C VAL A 15 1.32 -2.57 5.35
N CYS A 16 2.20 -3.44 5.81
CA CYS A 16 3.57 -3.46 5.36
C CYS A 16 3.68 -4.12 4.00
N GLY A 17 4.18 -3.37 3.04
CA GLY A 17 4.33 -3.90 1.70
C GLY A 17 5.76 -4.19 1.36
N SER A 18 5.93 -5.31 0.65
CA SER A 18 7.23 -5.78 0.22
C SER A 18 8.01 -4.65 -0.42
N ASP A 19 8.82 -4.02 0.42
CA ASP A 19 9.67 -2.91 0.02
C ASP A 19 10.30 -2.31 1.26
N GLY A 20 9.56 -2.41 2.37
CA GLY A 20 10.02 -1.89 3.63
C GLY A 20 9.21 -0.71 4.07
N ILE A 21 7.92 -0.73 3.74
CA ILE A 21 7.06 0.39 4.11
C ILE A 21 5.72 -0.04 4.68
N THR A 22 5.15 0.84 5.49
CA THR A 22 3.84 0.60 6.10
C THR A 22 2.82 1.53 5.48
N TYR A 23 2.05 0.99 4.54
CA TYR A 23 1.05 1.76 3.82
C TYR A 23 -0.27 1.86 4.57
N GLY A 24 -0.77 3.08 4.71
CA GLY A 24 -2.00 3.31 5.42
C GLY A 24 -3.06 2.27 5.10
N ASN A 25 -2.94 1.70 3.91
CA ASN A 25 -3.88 0.68 3.47
C ASN A 25 -3.36 -0.03 2.22
N ALA A 26 -3.67 -1.33 2.12
CA ALA A 26 -3.24 -2.13 0.98
C ALA A 26 -3.61 -1.41 -0.32
N CYS A 27 -4.64 -0.56 -0.22
CA CYS A 27 -5.11 0.22 -1.34
C CYS A 27 -4.21 1.42 -1.50
N MET A 28 -3.96 2.13 -0.40
CA MET A 28 -3.05 3.26 -0.42
C MET A 28 -1.82 2.79 -1.16
N LEU A 29 -1.50 1.54 -0.88
CA LEU A 29 -0.41 0.85 -1.51
C LEU A 29 -0.58 0.90 -3.01
N LEU A 30 -1.72 0.39 -3.45
CA LEU A 30 -2.03 0.40 -4.85
C LEU A 30 -1.77 1.79 -5.40
N CYS A 31 -2.00 2.79 -4.55
CA CYS A 31 -1.75 4.17 -4.96
C CYS A 31 -0.25 4.43 -4.92
N ALA A 32 0.42 3.75 -3.99
CA ALA A 32 1.86 3.85 -3.84
C ALA A 32 2.57 3.30 -5.06
N SER A 33 2.28 2.05 -5.38
CA SER A 33 2.88 1.41 -6.54
C SER A 33 2.69 2.29 -7.78
N ALA A 34 1.55 2.95 -7.85
CA ALA A 34 1.24 3.83 -8.97
C ALA A 34 1.70 5.27 -8.71
N ARG A 35 2.28 5.52 -7.55
CA ARG A 35 2.72 6.87 -7.20
C ARG A 35 4.25 6.98 -7.14
N SER A 36 4.90 5.95 -6.61
CA SER A 36 6.36 5.94 -6.48
C SER A 36 7.03 5.45 -7.76
N ASP A 37 7.60 4.25 -7.71
CA ASP A 37 8.28 3.69 -8.88
C ASP A 37 8.85 2.30 -8.57
N THR A 38 8.15 1.57 -7.70
CA THR A 38 8.59 0.23 -7.32
C THR A 38 7.39 -0.68 -7.07
N PRO A 39 7.43 -1.90 -7.61
CA PRO A 39 6.34 -2.87 -7.44
C PRO A 39 6.30 -3.48 -6.05
N ILE A 40 5.66 -2.78 -5.11
CA ILE A 40 5.53 -3.26 -3.75
C ILE A 40 4.59 -4.46 -3.68
N GLU A 41 4.77 -5.30 -2.67
CA GLU A 41 3.93 -6.48 -2.52
C GLU A 41 3.64 -6.76 -1.05
N LEU A 42 2.45 -6.39 -0.60
CA LEU A 42 2.04 -6.58 0.79
C LEU A 42 2.72 -7.79 1.41
N VAL A 43 2.93 -7.74 2.71
CA VAL A 43 3.58 -8.83 3.43
C VAL A 43 3.00 -9.04 4.81
N HIS A 44 2.74 -7.94 5.52
CA HIS A 44 2.19 -8.01 6.86
C HIS A 44 1.39 -6.76 7.19
N LYS A 45 0.12 -6.96 7.52
CA LYS A 45 -0.78 -5.84 7.85
C LYS A 45 -0.38 -5.19 9.16
N GLY A 46 0.76 -4.49 9.16
CA GLY A 46 1.23 -3.82 10.34
C GLY A 46 2.58 -3.18 10.11
N ARG A 47 3.25 -2.80 11.19
CA ARG A 47 4.56 -2.18 11.06
C ARG A 47 5.65 -3.25 10.97
N CYS A 48 5.51 -4.12 9.98
CA CYS A 48 6.47 -5.19 9.76
C CYS A 48 6.97 -5.76 11.08
N LYS A 1 -12.33 6.42 -12.40
CA LYS A 1 -11.05 6.45 -11.65
C LYS A 1 -10.48 5.05 -11.46
N PRO A 2 -9.41 4.73 -12.19
CA PRO A 2 -8.76 3.41 -12.11
C PRO A 2 -8.37 3.04 -10.69
N ASP A 3 -7.53 2.02 -10.56
CA ASP A 3 -7.08 1.57 -9.24
C ASP A 3 -5.66 2.06 -8.97
N ALA A 4 -5.56 3.16 -8.22
CA ALA A 4 -4.28 3.74 -7.88
C ALA A 4 -4.42 4.73 -6.74
N PRO A 5 -5.17 5.84 -6.96
CA PRO A 5 -5.40 6.85 -5.96
C PRO A 5 -5.30 6.30 -4.54
N CYS A 6 -4.73 7.09 -3.64
CA CYS A 6 -4.57 6.65 -2.26
C CYS A 6 -5.74 7.10 -1.40
N ILE A 7 -6.94 6.78 -1.86
CA ILE A 7 -8.15 7.13 -1.14
C ILE A 7 -9.22 6.05 -1.32
N CYS A 8 -9.23 5.09 -0.41
CA CYS A 8 -10.19 4.01 -0.45
C CYS A 8 -11.10 4.09 0.78
N THR A 9 -10.49 4.44 1.90
CA THR A 9 -11.21 4.56 3.16
C THR A 9 -10.31 5.15 4.22
N MET A 10 -10.72 5.00 5.47
CA MET A 10 -9.95 5.47 6.60
C MET A 10 -9.77 4.34 7.61
N GLN A 11 -10.03 3.12 7.15
CA GLN A 11 -9.90 1.94 7.99
C GLN A 11 -8.43 1.62 8.21
N TYR A 12 -7.72 2.58 8.79
CA TYR A 12 -6.29 2.45 9.06
C TYR A 12 -5.82 1.01 9.09
N ASP A 13 -5.51 0.49 7.90
CA ASP A 13 -5.02 -0.87 7.77
C ASP A 13 -3.59 -0.81 7.26
N PRO A 14 -2.71 -0.15 8.01
CA PRO A 14 -1.31 0.01 7.65
C PRO A 14 -0.64 -1.32 7.35
N VAL A 15 -0.58 -1.65 6.07
CA VAL A 15 0.02 -2.89 5.64
C VAL A 15 1.43 -2.66 5.16
N CYS A 16 2.33 -3.44 5.71
CA CYS A 16 3.73 -3.36 5.36
C CYS A 16 3.98 -4.06 4.05
N GLY A 17 4.42 -3.28 3.06
CA GLY A 17 4.66 -3.84 1.77
C GLY A 17 6.13 -4.02 1.48
N SER A 18 6.44 -5.16 0.88
CA SER A 18 7.79 -5.51 0.54
C SER A 18 8.49 -4.35 -0.13
N ASP A 19 9.22 -3.62 0.69
CA ASP A 19 9.96 -2.45 0.25
C ASP A 19 10.38 -1.65 1.46
N GLY A 20 9.64 -1.82 2.56
CA GLY A 20 9.93 -1.11 3.77
C GLY A 20 8.99 0.05 3.97
N ILE A 21 7.75 -0.11 3.51
CA ILE A 21 6.77 0.96 3.63
C ILE A 21 5.45 0.49 4.23
N THR A 22 4.97 1.21 5.25
CA THR A 22 3.71 0.88 5.88
C THR A 22 2.59 1.68 5.24
N TYR A 23 1.87 1.04 4.34
CA TYR A 23 0.79 1.68 3.61
C TYR A 23 -0.51 1.68 4.42
N GLY A 24 -1.04 2.88 4.66
CA GLY A 24 -2.26 3.05 5.42
C GLY A 24 -3.26 1.94 5.14
N ASN A 25 -3.19 1.41 3.94
CA ASN A 25 -4.07 0.33 3.53
C ASN A 25 -3.67 -0.21 2.15
N ALA A 26 -4.02 -1.47 1.91
CA ALA A 26 -3.71 -2.13 0.63
C ALA A 26 -4.08 -1.23 -0.54
N CYS A 27 -5.01 -0.33 -0.30
CA CYS A 27 -5.44 0.61 -1.32
C CYS A 27 -4.41 1.71 -1.44
N MET A 28 -4.07 2.32 -0.31
CA MET A 28 -3.03 3.33 -0.30
C MET A 28 -1.88 2.77 -1.09
N LEU A 29 -1.64 1.48 -0.85
CA LEU A 29 -0.62 0.72 -1.54
C LEU A 29 -0.82 0.86 -3.02
N LEU A 30 -2.02 0.55 -3.46
CA LEU A 30 -2.35 0.67 -4.85
C LEU A 30 -1.90 2.03 -5.35
N CYS A 31 -1.94 3.02 -4.44
CA CYS A 31 -1.49 4.36 -4.78
C CYS A 31 0.03 4.39 -4.79
N ALA A 32 0.62 3.57 -3.93
CA ALA A 32 2.06 3.46 -3.84
C ALA A 32 2.61 2.91 -5.15
N SER A 33 2.14 1.72 -5.51
CA SER A 33 2.57 1.10 -6.76
C SER A 33 2.11 1.95 -7.95
N ALA A 34 1.17 2.86 -7.69
CA ALA A 34 0.62 3.73 -8.73
C ALA A 34 1.40 5.03 -8.89
N ARG A 35 2.06 5.48 -7.82
CA ARG A 35 2.82 6.73 -7.88
C ARG A 35 4.23 6.59 -7.33
N SER A 36 4.73 5.36 -7.24
CA SER A 36 6.07 5.12 -6.73
C SER A 36 7.02 4.77 -7.88
N ASP A 37 7.62 3.59 -7.83
CA ASP A 37 8.53 3.15 -8.88
C ASP A 37 9.10 1.76 -8.60
N THR A 38 8.38 0.96 -7.84
CA THR A 38 8.82 -0.39 -7.50
C THR A 38 7.65 -1.23 -7.01
N PRO A 39 7.25 -2.25 -7.79
CA PRO A 39 6.14 -3.12 -7.44
C PRO A 39 6.28 -3.69 -6.03
N ILE A 40 5.65 -3.03 -5.07
CA ILE A 40 5.71 -3.47 -3.68
C ILE A 40 5.05 -4.83 -3.53
N GLU A 41 5.47 -5.58 -2.53
CA GLU A 41 4.91 -6.90 -2.30
C GLU A 41 4.56 -7.09 -0.83
N LEU A 42 3.30 -6.79 -0.50
CA LEU A 42 2.83 -6.92 0.88
C LEU A 42 3.51 -8.07 1.59
N VAL A 43 3.67 -7.92 2.89
CA VAL A 43 4.32 -8.96 3.70
C VAL A 43 3.66 -9.10 5.06
N HIS A 44 3.29 -7.97 5.65
CA HIS A 44 2.66 -7.98 6.97
C HIS A 44 1.70 -6.80 7.10
N LYS A 45 0.42 -7.11 7.28
CA LYS A 45 -0.61 -6.07 7.42
C LYS A 45 -0.45 -5.30 8.73
N GLY A 46 0.64 -4.57 8.86
CA GLY A 46 0.88 -3.79 10.05
C GLY A 46 2.18 -3.02 9.95
N ARG A 47 2.70 -2.55 11.07
CA ARG A 47 3.94 -1.80 11.08
C ARG A 47 5.13 -2.75 11.15
N CYS A 48 5.21 -3.64 10.16
CA CYS A 48 6.30 -4.59 10.09
C CYS A 48 6.70 -5.07 11.48
N LYS A 1 -3.95 -4.15 -14.87
CA LYS A 1 -3.76 -2.78 -14.33
C LYS A 1 -4.80 -2.48 -13.24
N PRO A 2 -4.52 -2.92 -12.00
CA PRO A 2 -5.41 -2.71 -10.86
C PRO A 2 -5.64 -1.23 -10.56
N ASP A 3 -6.16 -0.95 -9.36
CA ASP A 3 -6.42 0.42 -8.95
C ASP A 3 -5.14 1.22 -8.80
N ALA A 4 -5.27 2.40 -8.18
CA ALA A 4 -4.13 3.27 -7.96
C ALA A 4 -4.43 4.30 -6.88
N PRO A 5 -5.33 5.26 -7.19
CA PRO A 5 -5.73 6.30 -6.25
C PRO A 5 -5.60 5.85 -4.79
N CYS A 6 -5.22 6.78 -3.92
CA CYS A 6 -5.06 6.46 -2.51
C CYS A 6 -6.23 6.94 -1.68
N ILE A 7 -7.42 6.53 -2.08
CA ILE A 7 -8.64 6.91 -1.38
C ILE A 7 -9.66 5.79 -1.45
N CYS A 8 -9.47 4.78 -0.62
CA CYS A 8 -10.38 3.64 -0.58
C CYS A 8 -11.28 3.73 0.64
N THR A 9 -10.69 4.17 1.74
CA THR A 9 -11.42 4.31 2.99
C THR A 9 -10.56 4.98 4.05
N MET A 10 -10.95 4.80 5.29
CA MET A 10 -10.22 5.34 6.42
C MET A 10 -9.97 4.23 7.43
N GLN A 11 -10.11 2.98 6.97
CA GLN A 11 -9.89 1.82 7.82
C GLN A 11 -8.40 1.65 8.11
N TYR A 12 -7.82 2.67 8.71
CA TYR A 12 -6.40 2.69 9.06
C TYR A 12 -5.85 1.28 9.27
N ASP A 13 -5.45 0.63 8.18
CA ASP A 13 -4.88 -0.70 8.24
C ASP A 13 -3.48 -0.68 7.63
N PRO A 14 -2.55 0.01 8.30
CA PRO A 14 -1.17 0.13 7.84
C PRO A 14 -0.53 -1.21 7.54
N VAL A 15 -0.58 -1.60 6.28
CA VAL A 15 -0.01 -2.85 5.82
C VAL A 15 1.38 -2.64 5.27
N CYS A 16 2.30 -3.42 5.80
CA CYS A 16 3.69 -3.35 5.38
C CYS A 16 3.89 -4.10 4.07
N GLY A 17 4.33 -3.36 3.06
CA GLY A 17 4.54 -3.97 1.77
C GLY A 17 5.99 -4.10 1.42
N SER A 18 6.31 -5.20 0.72
CA SER A 18 7.65 -5.49 0.30
C SER A 18 8.27 -4.26 -0.35
N ASP A 19 9.03 -3.56 0.47
CA ASP A 19 9.71 -2.34 0.09
C ASP A 19 10.25 -1.66 1.33
N GLY A 20 9.58 -1.94 2.46
CA GLY A 20 9.96 -1.36 3.73
C GLY A 20 9.04 -0.23 4.07
N ILE A 21 7.79 -0.33 3.62
CA ILE A 21 6.83 0.73 3.87
C ILE A 21 5.53 0.21 4.50
N THR A 22 4.95 1.04 5.36
CA THR A 22 3.69 0.71 6.02
C THR A 22 2.56 1.54 5.42
N TYR A 23 1.84 0.95 4.50
CA TYR A 23 0.75 1.62 3.80
C TYR A 23 -0.54 1.63 4.62
N GLY A 24 -1.06 2.83 4.86
CA GLY A 24 -2.29 3.00 5.63
C GLY A 24 -3.31 1.95 5.28
N ASN A 25 -3.22 1.44 4.06
CA ASN A 25 -4.13 0.41 3.57
C ASN A 25 -3.67 -0.12 2.22
N ALA A 26 -3.96 -1.39 1.98
CA ALA A 26 -3.59 -2.05 0.73
C ALA A 26 -3.92 -1.18 -0.47
N CYS A 27 -4.91 -0.30 -0.27
CA CYS A 27 -5.34 0.61 -1.33
C CYS A 27 -4.33 1.75 -1.43
N MET A 28 -4.03 2.37 -0.30
CA MET A 28 -3.02 3.42 -0.30
C MET A 28 -1.85 2.89 -1.08
N LEU A 29 -1.63 1.59 -0.87
CA LEU A 29 -0.59 0.85 -1.55
C LEU A 29 -0.78 0.98 -3.03
N LEU A 30 -1.98 0.66 -3.47
CA LEU A 30 -2.32 0.77 -4.86
C LEU A 30 -1.89 2.14 -5.36
N CYS A 31 -1.96 3.14 -4.47
CA CYS A 31 -1.54 4.48 -4.83
C CYS A 31 -0.01 4.53 -4.85
N ALA A 32 0.59 3.69 -4.02
CA ALA A 32 2.04 3.58 -3.95
C ALA A 32 2.58 2.96 -5.21
N SER A 33 2.18 1.73 -5.47
CA SER A 33 2.62 1.03 -6.67
C SER A 33 2.14 1.76 -7.91
N ALA A 34 1.21 2.69 -7.73
CA ALA A 34 0.66 3.46 -8.84
C ALA A 34 1.54 4.65 -9.22
N ARG A 35 2.27 5.20 -8.25
CA ARG A 35 3.13 6.35 -8.52
C ARG A 35 4.42 6.32 -7.71
N SER A 36 4.89 5.13 -7.38
CA SER A 36 6.11 4.97 -6.60
C SER A 36 7.33 4.82 -7.52
N ASP A 37 7.75 3.59 -7.76
CA ASP A 37 8.89 3.33 -8.63
C ASP A 37 9.16 1.84 -8.73
N THR A 38 8.88 1.12 -7.64
CA THR A 38 9.09 -0.33 -7.60
C THR A 38 7.82 -1.05 -7.16
N PRO A 39 7.43 -2.12 -7.88
CA PRO A 39 6.24 -2.90 -7.57
C PRO A 39 6.31 -3.53 -6.17
N ILE A 40 5.82 -2.80 -5.18
CA ILE A 40 5.80 -3.29 -3.80
C ILE A 40 4.90 -4.51 -3.69
N GLU A 41 5.05 -5.26 -2.59
CA GLU A 41 4.23 -6.46 -2.40
C GLU A 41 3.98 -6.75 -0.93
N LEU A 42 2.76 -6.51 -0.48
CA LEU A 42 2.38 -6.74 0.92
C LEU A 42 3.19 -7.86 1.54
N VAL A 43 3.43 -7.75 2.84
CA VAL A 43 4.20 -8.76 3.55
C VAL A 43 3.64 -8.99 4.95
N HIS A 44 3.22 -7.91 5.60
CA HIS A 44 2.67 -8.00 6.94
C HIS A 44 1.72 -6.83 7.19
N LYS A 45 0.47 -7.17 7.51
CA LYS A 45 -0.56 -6.16 7.77
C LYS A 45 -0.27 -5.43 9.08
N GLY A 46 0.80 -4.64 9.10
CA GLY A 46 1.16 -3.89 10.28
C GLY A 46 2.46 -3.15 10.07
N ARG A 47 3.00 -2.58 11.14
CA ARG A 47 4.25 -1.84 11.04
C ARG A 47 5.43 -2.79 11.04
N CYS A 48 5.43 -3.72 10.09
CA CYS A 48 6.50 -4.68 9.95
C CYS A 48 6.97 -5.17 11.33
N LYS A 1 -7.19 0.78 -14.39
CA LYS A 1 -7.66 -0.60 -14.08
C LYS A 1 -7.68 -0.83 -12.56
N PRO A 2 -6.53 -0.61 -11.90
CA PRO A 2 -6.40 -0.80 -10.45
C PRO A 2 -7.02 0.34 -9.66
N ASP A 3 -6.83 0.32 -8.34
CA ASP A 3 -7.37 1.36 -7.47
C ASP A 3 -6.26 2.30 -6.97
N ALA A 4 -5.42 2.76 -7.89
CA ALA A 4 -4.33 3.65 -7.56
C ALA A 4 -4.72 4.63 -6.45
N PRO A 5 -5.83 5.36 -6.62
CA PRO A 5 -6.30 6.31 -5.63
C PRO A 5 -5.92 5.90 -4.21
N CYS A 6 -5.28 6.82 -3.49
CA CYS A 6 -4.84 6.55 -2.12
C CYS A 6 -5.89 7.00 -1.13
N ILE A 7 -7.13 6.68 -1.42
CA ILE A 7 -8.24 7.05 -0.55
C ILE A 7 -9.39 6.06 -0.70
N CYS A 8 -9.13 4.81 -0.34
CA CYS A 8 -10.13 3.77 -0.42
C CYS A 8 -11.05 3.82 0.79
N THR A 9 -10.43 4.07 1.94
CA THR A 9 -11.15 4.16 3.19
C THR A 9 -10.22 4.63 4.29
N MET A 10 -10.77 5.11 5.38
CA MET A 10 -9.95 5.55 6.50
C MET A 10 -9.78 4.40 7.47
N GLN A 11 -10.03 3.19 6.99
CA GLN A 11 -9.88 1.99 7.80
C GLN A 11 -8.42 1.70 8.05
N TYR A 12 -7.73 2.67 8.66
CA TYR A 12 -6.31 2.58 8.96
C TYR A 12 -5.82 1.14 9.01
N ASP A 13 -5.51 0.59 7.84
CA ASP A 13 -5.02 -0.77 7.74
C ASP A 13 -3.57 -0.72 7.26
N PRO A 14 -2.70 -0.10 8.06
CA PRO A 14 -1.28 0.04 7.72
C PRO A 14 -0.61 -1.29 7.44
N VAL A 15 -0.57 -1.65 6.16
CA VAL A 15 0.02 -2.88 5.71
C VAL A 15 1.43 -2.65 5.24
N CYS A 16 2.34 -3.41 5.81
CA CYS A 16 3.74 -3.31 5.47
C CYS A 16 4.00 -4.06 4.16
N GLY A 17 4.43 -3.31 3.15
CA GLY A 17 4.66 -3.91 1.86
C GLY A 17 6.12 -4.06 1.54
N SER A 18 6.41 -5.16 0.86
CA SER A 18 7.77 -5.49 0.45
C SER A 18 8.40 -4.30 -0.22
N ASP A 19 9.13 -3.56 0.58
CA ASP A 19 9.82 -2.35 0.14
C ASP A 19 10.32 -1.60 1.36
N GLY A 20 9.63 -1.81 2.49
CA GLY A 20 9.99 -1.17 3.72
C GLY A 20 9.04 -0.04 4.04
N ILE A 21 7.76 -0.21 3.68
CA ILE A 21 6.79 0.85 3.94
C ILE A 21 5.47 0.32 4.46
N THR A 22 4.95 1.01 5.48
CA THR A 22 3.67 0.66 6.07
C THR A 22 2.57 1.52 5.46
N TYR A 23 1.88 0.97 4.48
CA TYR A 23 0.85 1.68 3.76
C TYR A 23 -0.47 1.70 4.54
N GLY A 24 -1.01 2.90 4.72
CA GLY A 24 -2.26 3.08 5.44
C GLY A 24 -3.27 2.01 5.11
N ASN A 25 -3.12 1.43 3.93
CA ASN A 25 -4.02 0.38 3.49
C ASN A 25 -3.59 -0.17 2.13
N ALA A 26 -3.88 -1.45 1.90
CA ALA A 26 -3.52 -2.10 0.64
C ALA A 26 -3.89 -1.23 -0.54
N CYS A 27 -4.87 -0.36 -0.33
CA CYS A 27 -5.31 0.56 -1.38
C CYS A 27 -4.29 1.68 -1.50
N MET A 28 -3.99 2.32 -0.37
CA MET A 28 -2.97 3.36 -0.37
C MET A 28 -1.81 2.82 -1.17
N LEU A 29 -1.56 1.55 -0.92
CA LEU A 29 -0.52 0.81 -1.59
C LEU A 29 -0.72 0.92 -3.08
N LEU A 30 -1.92 0.57 -3.50
CA LEU A 30 -2.26 0.65 -4.90
C LEU A 30 -1.85 2.03 -5.40
N CYS A 31 -1.97 3.03 -4.52
CA CYS A 31 -1.57 4.37 -4.87
C CYS A 31 -0.06 4.46 -4.87
N ALA A 32 0.57 3.68 -3.99
CA ALA A 32 2.00 3.63 -3.88
C ALA A 32 2.59 3.10 -5.18
N SER A 33 2.16 1.91 -5.58
CA SER A 33 2.64 1.32 -6.81
C SER A 33 2.25 2.20 -8.01
N ALA A 34 1.28 3.10 -7.78
CA ALA A 34 0.80 3.99 -8.82
C ALA A 34 1.59 5.29 -8.91
N ARG A 35 2.38 5.60 -7.89
CA ARG A 35 3.16 6.84 -7.89
C ARG A 35 4.59 6.63 -7.40
N SER A 36 4.94 5.40 -7.09
CA SER A 36 6.28 5.09 -6.60
C SER A 36 7.23 4.78 -7.76
N ASP A 37 7.45 3.50 -8.02
CA ASP A 37 8.34 3.09 -9.11
C ASP A 37 8.45 1.56 -9.17
N THR A 38 8.34 0.93 -8.02
CA THR A 38 8.44 -0.54 -7.94
C THR A 38 7.14 -1.15 -7.44
N PRO A 39 6.87 -2.39 -7.86
CA PRO A 39 5.67 -3.13 -7.47
C PRO A 39 5.82 -3.74 -6.08
N ILE A 40 5.50 -2.97 -5.05
CA ILE A 40 5.58 -3.44 -3.69
C ILE A 40 4.91 -4.80 -3.55
N GLU A 41 5.33 -5.56 -2.54
CA GLU A 41 4.74 -6.88 -2.31
C GLU A 41 4.46 -7.09 -0.83
N LEU A 42 3.20 -6.83 -0.44
CA LEU A 42 2.80 -6.97 0.97
C LEU A 42 3.62 -8.02 1.69
N VAL A 43 3.85 -7.79 2.97
CA VAL A 43 4.63 -8.71 3.78
C VAL A 43 3.96 -8.95 5.12
N HIS A 44 3.43 -7.89 5.72
CA HIS A 44 2.78 -7.99 7.01
C HIS A 44 1.74 -6.89 7.17
N LYS A 45 0.49 -7.27 7.38
CA LYS A 45 -0.60 -6.32 7.55
C LYS A 45 -0.48 -5.57 8.87
N GLY A 46 0.55 -4.75 8.98
CA GLY A 46 0.78 -3.98 10.19
C GLY A 46 2.03 -3.14 10.07
N ARG A 47 2.52 -2.63 11.20
CA ARG A 47 3.72 -1.82 11.18
C ARG A 47 4.96 -2.70 11.26
N CYS A 48 5.08 -3.60 10.31
CA CYS A 48 6.23 -4.50 10.26
C CYS A 48 6.61 -4.97 11.65
N LYS A 1 -4.63 -5.54 -15.15
CA LYS A 1 -3.55 -6.29 -14.46
C LYS A 1 -3.01 -5.50 -13.28
N PRO A 2 -2.33 -4.38 -13.55
CA PRO A 2 -1.75 -3.51 -12.52
C PRO A 2 -2.81 -2.77 -11.73
N ASP A 3 -2.38 -1.79 -10.94
CA ASP A 3 -3.30 -1.00 -10.13
C ASP A 3 -2.90 0.48 -10.13
N ALA A 4 -3.62 1.28 -9.36
CA ALA A 4 -3.35 2.71 -9.26
C ALA A 4 -4.20 3.35 -8.18
N PRO A 5 -5.53 3.24 -8.29
CA PRO A 5 -6.45 3.81 -7.30
C PRO A 5 -6.13 3.33 -5.89
N CYS A 6 -6.87 3.80 -4.91
CA CYS A 6 -6.64 3.41 -3.52
C CYS A 6 -7.75 3.89 -2.61
N ILE A 7 -8.90 3.22 -2.65
CA ILE A 7 -10.02 3.58 -1.80
C ILE A 7 -10.61 2.38 -1.09
N CYS A 8 -9.78 1.68 -0.33
CA CYS A 8 -10.23 0.52 0.43
C CYS A 8 -10.88 0.96 1.73
N THR A 9 -10.29 1.98 2.34
CA THR A 9 -10.79 2.50 3.59
C THR A 9 -10.07 3.79 3.97
N MET A 10 -10.83 4.73 4.50
CA MET A 10 -10.26 6.00 4.95
C MET A 10 -9.99 5.91 6.44
N GLN A 11 -9.79 4.67 6.91
CA GLN A 11 -9.52 4.42 8.32
C GLN A 11 -8.04 4.44 8.64
N TYR A 12 -7.44 3.25 8.77
CA TYR A 12 -6.02 3.15 9.08
C TYR A 12 -5.58 1.69 9.18
N ASP A 13 -5.39 1.05 8.03
CA ASP A 13 -4.95 -0.34 8.00
C ASP A 13 -3.53 -0.38 7.44
N PRO A 14 -2.59 0.20 8.17
CA PRO A 14 -1.18 0.27 7.76
C PRO A 14 -0.59 -1.12 7.48
N VAL A 15 -0.55 -1.48 6.21
CA VAL A 15 -0.02 -2.76 5.79
C VAL A 15 1.41 -2.60 5.28
N CYS A 16 2.28 -3.44 5.80
CA CYS A 16 3.66 -3.43 5.43
C CYS A 16 3.85 -4.12 4.09
N GLY A 17 4.33 -3.37 3.10
CA GLY A 17 4.52 -3.91 1.79
C GLY A 17 5.97 -4.08 1.42
N SER A 18 6.23 -5.21 0.75
CA SER A 18 7.57 -5.54 0.31
C SER A 18 8.25 -4.32 -0.24
N ASP A 19 9.03 -3.71 0.61
CA ASP A 19 9.77 -2.49 0.30
C ASP A 19 10.22 -1.83 1.59
N GLY A 20 9.52 -2.16 2.68
CA GLY A 20 9.85 -1.62 3.97
C GLY A 20 8.98 -0.42 4.28
N ILE A 21 7.82 -0.36 3.64
CA ILE A 21 6.92 0.77 3.85
C ILE A 21 5.58 0.32 4.42
N THR A 22 5.13 1.01 5.47
CA THR A 22 3.85 0.72 6.09
C THR A 22 2.77 1.60 5.46
N TYR A 23 2.05 1.04 4.51
CA TYR A 23 1.01 1.76 3.79
C TYR A 23 -0.29 1.83 4.57
N GLY A 24 -0.77 3.05 4.79
CA GLY A 24 -2.00 3.26 5.52
C GLY A 24 -3.03 2.21 5.20
N ASN A 25 -2.97 1.70 3.99
CA ASN A 25 -3.90 0.67 3.54
C ASN A 25 -3.41 0.01 2.26
N ALA A 26 -3.71 -1.28 2.10
CA ALA A 26 -3.32 -2.01 0.91
C ALA A 26 -3.68 -1.23 -0.34
N CYS A 27 -4.70 -0.39 -0.20
CA CYS A 27 -5.16 0.47 -1.29
C CYS A 27 -4.20 1.62 -1.43
N MET A 28 -3.95 2.30 -0.32
CA MET A 28 -2.98 3.38 -0.32
C MET A 28 -1.78 2.87 -1.09
N LEU A 29 -1.48 1.61 -0.83
CA LEU A 29 -0.42 0.90 -1.51
C LEU A 29 -0.64 0.95 -2.99
N LEU A 30 -1.83 0.51 -3.39
CA LEU A 30 -2.19 0.53 -4.79
C LEU A 30 -1.84 1.89 -5.36
N CYS A 31 -2.00 2.92 -4.53
CA CYS A 31 -1.67 4.27 -4.93
C CYS A 31 -0.15 4.42 -4.95
N ALA A 32 0.50 3.72 -4.02
CA ALA A 32 1.95 3.73 -3.92
C ALA A 32 2.58 3.16 -5.18
N SER A 33 2.18 1.93 -5.53
CA SER A 33 2.70 1.29 -6.72
C SER A 33 2.55 2.20 -7.93
N ALA A 34 1.47 2.97 -7.94
CA ALA A 34 1.19 3.88 -9.05
C ALA A 34 1.78 5.28 -8.84
N ARG A 35 2.40 5.52 -7.69
CA ARG A 35 2.96 6.84 -7.42
C ARG A 35 4.48 6.79 -7.17
N SER A 36 4.98 5.60 -6.85
CA SER A 36 6.40 5.43 -6.57
C SER A 36 7.18 5.09 -7.85
N ASP A 37 7.45 3.80 -8.07
CA ASP A 37 8.18 3.36 -9.25
C ASP A 37 8.38 1.85 -9.24
N THR A 38 8.48 1.29 -8.03
CA THR A 38 8.69 -0.15 -7.90
C THR A 38 7.42 -0.83 -7.38
N PRO A 39 7.06 -1.98 -7.96
CA PRO A 39 5.87 -2.73 -7.57
C PRO A 39 6.03 -3.44 -6.23
N ILE A 40 5.67 -2.74 -5.15
CA ILE A 40 5.76 -3.31 -3.81
C ILE A 40 5.01 -4.63 -3.74
N GLU A 41 5.17 -5.35 -2.64
CA GLU A 41 4.48 -6.63 -2.48
C GLU A 41 4.15 -6.88 -1.01
N LEU A 42 2.91 -6.57 -0.63
CA LEU A 42 2.46 -6.76 0.76
C LEU A 42 3.21 -7.89 1.43
N VAL A 43 3.41 -7.76 2.73
CA VAL A 43 4.12 -8.78 3.49
C VAL A 43 3.45 -9.04 4.83
N HIS A 44 2.99 -7.97 5.48
CA HIS A 44 2.33 -8.08 6.77
C HIS A 44 1.40 -6.91 6.99
N LYS A 45 0.11 -7.23 7.20
CA LYS A 45 -0.91 -6.20 7.43
C LYS A 45 -0.71 -5.51 8.77
N GLY A 46 0.38 -4.77 8.90
CA GLY A 46 0.67 -4.06 10.13
C GLY A 46 1.97 -3.31 10.03
N ARG A 47 2.53 -2.94 11.17
CA ARG A 47 3.78 -2.21 11.18
C ARG A 47 4.95 -3.18 11.21
N CYS A 48 5.00 -4.07 10.24
CA CYS A 48 6.06 -5.04 10.14
C CYS A 48 6.41 -5.62 11.50
N LYS A 1 -8.62 -3.00 -14.05
CA LYS A 1 -8.27 -2.44 -12.71
C LYS A 1 -6.89 -1.80 -12.73
N PRO A 2 -6.73 -0.72 -13.53
CA PRO A 2 -5.46 0.01 -13.63
C PRO A 2 -5.11 0.76 -12.35
N ASP A 3 -4.13 1.65 -12.46
CA ASP A 3 -3.69 2.44 -11.31
C ASP A 3 -4.88 2.81 -10.43
N ALA A 4 -4.65 2.87 -9.12
CA ALA A 4 -5.70 3.21 -8.19
C ALA A 4 -5.23 4.24 -7.17
N PRO A 5 -5.90 5.40 -7.11
CA PRO A 5 -5.54 6.47 -6.18
C PRO A 5 -5.33 5.96 -4.76
N CYS A 6 -5.07 6.87 -3.83
CA CYS A 6 -4.84 6.48 -2.44
C CYS A 6 -6.01 6.89 -1.56
N ILE A 7 -7.21 6.53 -2.00
CA ILE A 7 -8.41 6.85 -1.25
C ILE A 7 -9.45 5.74 -1.39
N CYS A 8 -9.38 4.79 -0.49
CA CYS A 8 -10.31 3.66 -0.49
C CYS A 8 -11.24 3.73 0.71
N THR A 9 -10.67 4.08 1.85
CA THR A 9 -11.43 4.19 3.08
C THR A 9 -10.57 4.79 4.18
N MET A 10 -11.06 4.73 5.39
CA MET A 10 -10.33 5.23 6.54
C MET A 10 -10.03 4.09 7.50
N GLN A 11 -10.15 2.86 6.99
CA GLN A 11 -9.89 1.68 7.78
C GLN A 11 -8.41 1.56 8.11
N TYR A 12 -7.87 2.59 8.75
CA TYR A 12 -6.45 2.64 9.12
C TYR A 12 -5.87 1.26 9.31
N ASP A 13 -5.43 0.65 8.22
CA ASP A 13 -4.84 -0.68 8.27
C ASP A 13 -3.45 -0.63 7.67
N PRO A 14 -2.49 -0.02 8.38
CA PRO A 14 -1.11 0.11 7.92
C PRO A 14 -0.50 -1.23 7.55
N VAL A 15 -0.49 -1.51 6.26
CA VAL A 15 0.06 -2.75 5.74
C VAL A 15 1.47 -2.56 5.26
N CYS A 16 2.33 -3.42 5.74
CA CYS A 16 3.73 -3.38 5.37
C CYS A 16 3.94 -4.01 4.01
N GLY A 17 4.41 -3.20 3.07
CA GLY A 17 4.62 -3.68 1.73
C GLY A 17 6.09 -3.87 1.41
N SER A 18 6.36 -5.01 0.77
CA SER A 18 7.70 -5.38 0.39
C SER A 18 8.39 -4.24 -0.32
N ASP A 19 9.14 -3.49 0.46
CA ASP A 19 9.88 -2.34 -0.02
C ASP A 19 10.42 -1.55 1.17
N GLY A 20 9.73 -1.69 2.30
CA GLY A 20 10.13 -1.00 3.50
C GLY A 20 9.19 0.12 3.83
N ILE A 21 7.91 -0.04 3.47
CA ILE A 21 6.95 1.01 3.74
C ILE A 21 5.65 0.48 4.33
N THR A 22 5.13 1.20 5.32
CA THR A 22 3.88 0.84 5.97
C THR A 22 2.75 1.69 5.41
N TYR A 23 2.00 1.12 4.48
CA TYR A 23 0.91 1.83 3.83
C TYR A 23 -0.36 1.82 4.68
N GLY A 24 -0.91 3.01 4.89
CA GLY A 24 -2.12 3.13 5.70
C GLY A 24 -3.16 2.12 5.33
N ASN A 25 -3.05 1.59 4.12
CA ASN A 25 -4.00 0.60 3.63
C ASN A 25 -3.54 0.01 2.30
N ALA A 26 -3.84 -1.26 2.09
CA ALA A 26 -3.47 -1.94 0.86
C ALA A 26 -3.86 -1.11 -0.35
N CYS A 27 -4.84 -0.25 -0.16
CA CYS A 27 -5.31 0.63 -1.23
C CYS A 27 -4.35 1.80 -1.36
N MET A 28 -4.04 2.45 -0.25
CA MET A 28 -3.07 3.53 -0.29
C MET A 28 -1.88 3.00 -1.05
N LEU A 29 -1.66 1.70 -0.85
CA LEU A 29 -0.61 0.98 -1.51
C LEU A 29 -0.86 1.05 -3.00
N LEU A 30 -2.06 0.70 -3.39
CA LEU A 30 -2.43 0.76 -4.79
C LEU A 30 -2.00 2.12 -5.33
N CYS A 31 -2.04 3.13 -4.46
CA CYS A 31 -1.63 4.47 -4.86
C CYS A 31 -0.11 4.49 -4.99
N ALA A 32 0.54 3.72 -4.12
CA ALA A 32 2.00 3.60 -4.13
C ALA A 32 2.43 2.88 -5.39
N SER A 33 1.96 1.66 -5.56
CA SER A 33 2.28 0.86 -6.74
C SER A 33 1.93 1.64 -8.01
N ALA A 34 1.08 2.65 -7.87
CA ALA A 34 0.65 3.47 -8.99
C ALA A 34 1.69 4.50 -9.42
N ARG A 35 2.34 5.15 -8.46
CA ARG A 35 3.34 6.18 -8.78
C ARG A 35 4.56 6.13 -7.86
N SER A 36 4.88 4.95 -7.36
CA SER A 36 6.03 4.78 -6.48
C SER A 36 7.33 4.69 -7.27
N ASP A 37 7.75 3.47 -7.57
CA ASP A 37 8.97 3.24 -8.33
C ASP A 37 9.22 1.76 -8.52
N THR A 38 8.83 0.98 -7.51
CA THR A 38 9.01 -0.47 -7.55
C THR A 38 7.76 -1.17 -7.04
N PRO A 39 7.23 -2.13 -7.81
CA PRO A 39 6.02 -2.88 -7.44
C PRO A 39 6.13 -3.50 -6.06
N ILE A 40 5.63 -2.80 -5.05
CA ILE A 40 5.67 -3.28 -3.68
C ILE A 40 4.92 -4.60 -3.55
N GLU A 41 5.31 -5.40 -2.57
CA GLU A 41 4.66 -6.69 -2.35
C GLU A 41 4.37 -6.90 -0.88
N LEU A 42 3.13 -6.61 -0.49
CA LEU A 42 2.72 -6.75 0.90
C LEU A 42 3.36 -7.96 1.54
N VAL A 43 3.60 -7.85 2.84
CA VAL A 43 4.20 -8.94 3.60
C VAL A 43 3.51 -9.13 4.94
N HIS A 44 3.13 -8.01 5.57
CA HIS A 44 2.46 -8.05 6.86
C HIS A 44 1.53 -6.86 7.01
N LYS A 45 0.25 -7.14 7.24
CA LYS A 45 -0.75 -6.09 7.40
C LYS A 45 -0.58 -5.33 8.71
N GLY A 46 0.54 -4.64 8.85
CA GLY A 46 0.81 -3.88 10.05
C GLY A 46 2.13 -3.15 9.96
N ARG A 47 2.70 -2.80 11.10
CA ARG A 47 3.97 -2.11 11.11
C ARG A 47 5.12 -3.10 11.15
N CYS A 48 5.15 -3.97 10.16
CA CYS A 48 6.19 -4.98 10.06
C CYS A 48 6.55 -5.53 11.43
N LYS A 1 -6.87 -0.93 -12.50
CA LYS A 1 -6.07 -1.84 -11.66
C LYS A 1 -4.66 -1.29 -11.42
N PRO A 2 -3.91 -1.04 -12.49
CA PRO A 2 -2.54 -0.52 -12.42
C PRO A 2 -2.51 1.00 -12.32
N ASP A 3 -3.44 1.53 -11.54
CA ASP A 3 -3.55 2.97 -11.35
C ASP A 3 -4.60 3.29 -10.29
N ALA A 4 -4.42 2.74 -9.10
CA ALA A 4 -5.35 2.96 -8.01
C ALA A 4 -4.82 4.01 -7.03
N PRO A 5 -5.62 5.06 -6.76
CA PRO A 5 -5.23 6.13 -5.85
C PRO A 5 -5.05 5.62 -4.42
N CYS A 6 -4.96 6.55 -3.46
CA CYS A 6 -4.79 6.19 -2.07
C CYS A 6 -5.97 6.67 -1.23
N ILE A 7 -7.17 6.35 -1.69
CA ILE A 7 -8.37 6.75 -1.00
C ILE A 7 -9.48 5.70 -1.14
N CYS A 8 -9.22 4.51 -0.64
CA CYS A 8 -10.18 3.43 -0.70
C CYS A 8 -11.13 3.51 0.49
N THR A 9 -10.56 3.91 1.62
CA THR A 9 -11.31 4.03 2.86
C THR A 9 -10.45 4.69 3.91
N MET A 10 -10.96 4.73 5.14
CA MET A 10 -10.22 5.29 6.25
C MET A 10 -10.02 4.22 7.30
N GLN A 11 -10.19 2.96 6.89
CA GLN A 11 -10.01 1.83 7.78
C GLN A 11 -8.54 1.64 8.10
N TYR A 12 -7.94 2.68 8.68
CA TYR A 12 -6.52 2.69 9.04
C TYR A 12 -5.94 1.28 9.15
N ASP A 13 -5.55 0.72 8.00
CA ASP A 13 -4.98 -0.61 7.97
C ASP A 13 -3.57 -0.54 7.42
N PRO A 14 -2.64 0.05 8.20
CA PRO A 14 -1.24 0.19 7.78
C PRO A 14 -0.60 -1.16 7.50
N VAL A 15 -0.62 -1.56 6.24
CA VAL A 15 -0.04 -2.82 5.82
C VAL A 15 1.34 -2.61 5.23
N CYS A 16 2.28 -3.36 5.77
CA CYS A 16 3.65 -3.28 5.33
C CYS A 16 3.84 -4.05 4.03
N GLY A 17 4.32 -3.35 3.00
CA GLY A 17 4.52 -3.98 1.73
C GLY A 17 5.98 -4.17 1.38
N SER A 18 6.23 -5.28 0.70
CA SER A 18 7.56 -5.65 0.27
C SER A 18 8.23 -4.51 -0.45
N ASP A 19 9.01 -3.76 0.32
CA ASP A 19 9.74 -2.60 -0.17
C ASP A 19 10.34 -1.88 1.02
N GLY A 20 9.65 -1.98 2.16
CA GLY A 20 10.10 -1.36 3.37
C GLY A 20 9.18 -0.25 3.79
N ILE A 21 7.88 -0.41 3.52
CA ILE A 21 6.93 0.64 3.87
C ILE A 21 5.63 0.11 4.45
N THR A 22 5.03 0.92 5.33
CA THR A 22 3.76 0.58 5.97
C THR A 22 2.66 1.46 5.37
N TYR A 23 1.92 0.88 4.44
CA TYR A 23 0.86 1.59 3.75
C TYR A 23 -0.43 1.63 4.55
N GLY A 24 -0.91 2.85 4.81
CA GLY A 24 -2.13 3.02 5.56
C GLY A 24 -3.18 2.01 5.19
N ASN A 25 -3.10 1.54 3.96
CA ASN A 25 -4.06 0.55 3.46
C ASN A 25 -3.54 -0.11 2.19
N ALA A 26 -3.86 -1.40 2.02
CA ALA A 26 -3.45 -2.14 0.83
C ALA A 26 -3.78 -1.33 -0.41
N CYS A 27 -4.81 -0.51 -0.30
CA CYS A 27 -5.23 0.36 -1.39
C CYS A 27 -4.28 1.53 -1.48
N MET A 28 -4.03 2.16 -0.33
CA MET A 28 -3.07 3.24 -0.30
C MET A 28 -1.85 2.75 -1.03
N LEU A 29 -1.57 1.48 -0.79
CA LEU A 29 -0.49 0.77 -1.45
C LEU A 29 -0.64 0.92 -2.93
N LEU A 30 -1.80 0.55 -3.42
CA LEU A 30 -2.09 0.67 -4.83
C LEU A 30 -1.68 2.08 -5.27
N CYS A 31 -1.83 3.04 -4.36
CA CYS A 31 -1.44 4.41 -4.65
C CYS A 31 0.08 4.50 -4.64
N ALA A 32 0.69 3.69 -3.79
CA ALA A 32 2.14 3.64 -3.68
C ALA A 32 2.72 3.11 -4.97
N SER A 33 2.34 1.89 -5.33
CA SER A 33 2.82 1.28 -6.56
C SER A 33 2.48 2.18 -7.75
N ALA A 34 1.54 3.09 -7.55
CA ALA A 34 1.10 4.00 -8.61
C ALA A 34 2.02 5.22 -8.75
N ARG A 35 2.24 5.94 -7.66
CA ARG A 35 3.08 7.15 -7.71
C ARG A 35 4.49 6.90 -7.19
N SER A 36 4.86 5.63 -7.01
CA SER A 36 6.18 5.29 -6.52
C SER A 36 7.11 4.95 -7.70
N ASP A 37 7.58 3.71 -7.77
CA ASP A 37 8.46 3.29 -8.86
C ASP A 37 8.89 1.84 -8.70
N THR A 38 8.07 1.02 -8.03
CA THR A 38 8.40 -0.38 -7.83
C THR A 38 7.15 -1.17 -7.45
N PRO A 39 7.08 -2.44 -7.89
CA PRO A 39 5.94 -3.31 -7.60
C PRO A 39 6.02 -3.89 -6.19
N ILE A 40 5.51 -3.14 -5.21
CA ILE A 40 5.53 -3.59 -3.82
C ILE A 40 4.70 -4.85 -3.65
N GLU A 41 5.04 -5.65 -2.64
CA GLU A 41 4.31 -6.89 -2.37
C GLU A 41 4.05 -7.06 -0.88
N LEU A 42 2.82 -6.78 -0.45
CA LEU A 42 2.45 -6.91 0.96
C LEU A 42 3.26 -7.99 1.67
N VAL A 43 3.47 -7.79 2.97
CA VAL A 43 4.24 -8.75 3.75
C VAL A 43 3.67 -8.92 5.15
N HIS A 44 3.23 -7.82 5.75
CA HIS A 44 2.67 -7.86 7.09
C HIS A 44 1.67 -6.73 7.30
N LYS A 45 0.45 -7.10 7.68
CA LYS A 45 -0.61 -6.12 7.90
C LYS A 45 -0.34 -5.31 9.17
N GLY A 46 0.72 -4.52 9.15
CA GLY A 46 1.08 -3.70 10.29
C GLY A 46 2.34 -2.90 10.02
N ARG A 47 2.90 -2.33 11.07
CA ARG A 47 4.11 -1.54 10.93
C ARG A 47 5.33 -2.44 10.95
N CYS A 48 5.36 -3.41 10.05
CA CYS A 48 6.48 -4.34 9.96
C CYS A 48 6.95 -4.73 11.35
N LYS A 1 -2.01 -2.25 -9.19
CA LYS A 1 -1.69 -2.31 -10.64
C LYS A 1 -2.13 -1.04 -11.35
N PRO A 2 -3.45 -0.83 -11.49
CA PRO A 2 -4.00 0.35 -12.17
C PRO A 2 -3.79 1.62 -11.36
N ASP A 3 -4.22 2.75 -11.91
CA ASP A 3 -4.09 4.04 -11.24
C ASP A 3 -5.12 4.18 -10.13
N ALA A 4 -4.97 3.38 -9.08
CA ALA A 4 -5.89 3.42 -7.95
C ALA A 4 -5.50 4.50 -6.96
N PRO A 5 -6.36 5.51 -6.77
CA PRO A 5 -6.11 6.61 -5.84
C PRO A 5 -5.72 6.11 -4.47
N CYS A 6 -5.33 7.03 -3.59
CA CYS A 6 -4.93 6.66 -2.23
C CYS A 6 -6.03 7.01 -1.24
N ILE A 7 -7.26 6.66 -1.59
CA ILE A 7 -8.40 6.95 -0.74
C ILE A 7 -9.50 5.89 -0.91
N CYS A 8 -9.24 4.70 -0.39
CA CYS A 8 -10.20 3.61 -0.48
C CYS A 8 -11.15 3.66 0.70
N THR A 9 -10.60 3.95 1.87
CA THR A 9 -11.37 4.04 3.10
C THR A 9 -10.50 4.58 4.22
N MET A 10 -11.08 4.69 5.40
CA MET A 10 -10.35 5.16 6.54
C MET A 10 -10.07 4.01 7.49
N GLN A 11 -10.20 2.80 6.96
CA GLN A 11 -9.96 1.59 7.75
C GLN A 11 -8.47 1.44 8.00
N TYR A 12 -7.89 2.45 8.63
CA TYR A 12 -6.46 2.47 8.94
C TYR A 12 -5.90 1.06 9.14
N ASP A 13 -5.49 0.43 8.06
CA ASP A 13 -4.91 -0.90 8.11
C ASP A 13 -3.50 -0.85 7.55
N PRO A 14 -2.60 -0.16 8.26
CA PRO A 14 -1.21 0.01 7.84
C PRO A 14 -0.54 -1.32 7.51
N VAL A 15 -0.52 -1.65 6.23
CA VAL A 15 0.07 -2.87 5.74
C VAL A 15 1.48 -2.62 5.25
N CYS A 16 2.41 -3.36 5.83
CA CYS A 16 3.80 -3.25 5.48
C CYS A 16 4.08 -3.98 4.17
N GLY A 17 4.52 -3.22 3.17
CA GLY A 17 4.79 -3.80 1.88
C GLY A 17 6.26 -3.94 1.61
N SER A 18 6.59 -5.05 0.95
CA SER A 18 7.95 -5.36 0.59
C SER A 18 8.58 -4.20 -0.14
N ASP A 19 9.29 -3.41 0.64
CA ASP A 19 9.97 -2.22 0.16
C ASP A 19 10.49 -1.44 1.34
N GLY A 20 9.82 -1.61 2.48
CA GLY A 20 10.21 -0.93 3.68
C GLY A 20 9.21 0.14 4.05
N ILE A 21 7.94 -0.09 3.75
CA ILE A 21 6.93 0.93 4.05
C ILE A 21 5.63 0.34 4.58
N THR A 22 5.01 1.06 5.51
CA THR A 22 3.75 0.66 6.10
C THR A 22 2.62 1.52 5.53
N TYR A 23 1.93 0.96 4.53
CA TYR A 23 0.85 1.67 3.86
C TYR A 23 -0.44 1.64 4.66
N GLY A 24 -0.99 2.82 4.95
CA GLY A 24 -2.21 2.92 5.71
C GLY A 24 -3.24 1.89 5.28
N ASN A 25 -3.10 1.43 4.05
CA ASN A 25 -4.01 0.43 3.51
C ASN A 25 -3.53 -0.06 2.15
N ALA A 26 -3.80 -1.32 1.86
CA ALA A 26 -3.40 -1.93 0.60
C ALA A 26 -3.75 -1.02 -0.58
N CYS A 27 -4.75 -0.18 -0.36
CA CYS A 27 -5.18 0.76 -1.39
C CYS A 27 -4.21 1.93 -1.44
N MET A 28 -3.92 2.52 -0.30
CA MET A 28 -2.93 3.58 -0.25
C MET A 28 -1.73 3.08 -1.01
N LEU A 29 -1.53 1.77 -0.85
CA LEU A 29 -0.49 1.06 -1.53
C LEU A 29 -0.66 1.23 -3.02
N LEU A 30 -1.87 0.94 -3.47
CA LEU A 30 -2.19 1.10 -4.87
C LEU A 30 -1.74 2.48 -5.32
N CYS A 31 -1.80 3.44 -4.39
CA CYS A 31 -1.36 4.79 -4.67
C CYS A 31 0.15 4.84 -4.66
N ALA A 32 0.74 3.98 -3.82
CA ALA A 32 2.18 3.86 -3.71
C ALA A 32 2.74 3.30 -5.01
N SER A 33 2.31 2.09 -5.35
CA SER A 33 2.74 1.45 -6.57
C SER A 33 2.49 2.37 -7.77
N ALA A 34 1.52 3.27 -7.60
CA ALA A 34 1.16 4.22 -8.65
C ALA A 34 2.05 5.45 -8.61
N ARG A 35 2.76 5.64 -7.51
CA ARG A 35 3.64 6.79 -7.34
C ARG A 35 5.08 6.46 -7.69
N SER A 36 5.56 5.31 -7.20
CA SER A 36 6.93 4.91 -7.45
C SER A 36 7.08 4.28 -8.83
N ASP A 37 7.16 2.94 -8.87
CA ASP A 37 7.29 2.23 -10.13
C ASP A 37 7.40 0.73 -9.88
N THR A 38 7.91 0.34 -8.72
CA THR A 38 8.07 -1.06 -8.38
C THR A 38 6.86 -1.58 -7.60
N PRO A 39 6.22 -2.64 -8.11
CA PRO A 39 5.03 -3.23 -7.46
C PRO A 39 5.36 -3.82 -6.09
N ILE A 40 5.30 -2.98 -5.06
CA ILE A 40 5.57 -3.42 -3.71
C ILE A 40 4.97 -4.80 -3.48
N GLU A 41 5.54 -5.54 -2.53
CA GLU A 41 5.02 -6.88 -2.24
C GLU A 41 4.71 -7.04 -0.76
N LEU A 42 3.44 -6.80 -0.41
CA LEU A 42 3.00 -6.91 0.97
C LEU A 42 3.79 -7.97 1.73
N VAL A 43 3.99 -7.72 3.01
CA VAL A 43 4.73 -8.64 3.86
C VAL A 43 3.98 -8.90 5.16
N HIS A 44 3.49 -7.83 5.77
CA HIS A 44 2.74 -7.94 7.01
C HIS A 44 1.65 -6.88 7.07
N LYS A 45 0.42 -7.33 7.25
CA LYS A 45 -0.74 -6.44 7.31
C LYS A 45 -0.74 -5.62 8.61
N GLY A 46 0.33 -4.87 8.82
CA GLY A 46 0.45 -4.05 10.01
C GLY A 46 1.66 -3.15 9.96
N ARG A 47 2.11 -2.68 11.11
CA ARG A 47 3.27 -1.81 11.16
C ARG A 47 4.54 -2.63 11.32
N CYS A 48 4.77 -3.55 10.38
CA CYS A 48 5.95 -4.40 10.41
C CYS A 48 6.26 -4.87 11.82
N LYS A 1 -3.12 -6.17 -13.12
CA LYS A 1 -3.81 -5.28 -12.16
C LYS A 1 -3.42 -3.82 -12.36
N PRO A 2 -4.33 -3.02 -12.95
CA PRO A 2 -4.07 -1.60 -13.22
C PRO A 2 -3.80 -0.81 -11.94
N ASP A 3 -3.61 0.49 -12.08
CA ASP A 3 -3.33 1.36 -10.94
C ASP A 3 -4.62 1.72 -10.21
N ALA A 4 -4.48 2.23 -8.99
CA ALA A 4 -5.63 2.63 -8.19
C ALA A 4 -5.28 3.80 -7.28
N PRO A 5 -6.29 4.63 -6.95
CA PRO A 5 -6.08 5.81 -6.09
C PRO A 5 -5.69 5.42 -4.66
N CYS A 6 -5.44 6.42 -3.82
CA CYS A 6 -5.06 6.18 -2.43
C CYS A 6 -6.12 6.71 -1.48
N ILE A 7 -7.38 6.42 -1.79
CA ILE A 7 -8.48 6.86 -0.96
C ILE A 7 -9.60 5.83 -0.99
N CYS A 8 -9.32 4.63 -0.50
CA CYS A 8 -10.30 3.56 -0.45
C CYS A 8 -11.20 3.73 0.77
N THR A 9 -10.59 4.14 1.87
CA THR A 9 -11.30 4.34 3.12
C THR A 9 -10.38 5.00 4.13
N MET A 10 -10.81 4.99 5.38
CA MET A 10 -10.01 5.53 6.46
C MET A 10 -9.79 4.46 7.52
N GLN A 11 -10.00 3.20 7.11
CA GLN A 11 -9.82 2.07 8.01
C GLN A 11 -8.34 1.85 8.30
N TYR A 12 -7.72 2.89 8.85
CA TYR A 12 -6.29 2.87 9.18
C TYR A 12 -5.75 1.45 9.30
N ASP A 13 -5.41 0.86 8.15
CA ASP A 13 -4.86 -0.48 8.12
C ASP A 13 -3.48 -0.46 7.49
N PRO A 14 -2.51 0.12 8.20
CA PRO A 14 -1.13 0.24 7.70
C PRO A 14 -0.52 -1.12 7.39
N VAL A 15 -0.50 -1.45 6.10
CA VAL A 15 0.05 -2.70 5.64
C VAL A 15 1.47 -2.54 5.13
N CYS A 16 2.33 -3.40 5.61
CA CYS A 16 3.72 -3.38 5.22
C CYS A 16 3.90 -4.05 3.87
N GLY A 17 4.39 -3.28 2.91
CA GLY A 17 4.58 -3.81 1.57
C GLY A 17 6.03 -4.02 1.23
N SER A 18 6.27 -5.18 0.60
CA SER A 18 7.59 -5.58 0.19
C SER A 18 8.30 -4.41 -0.46
N ASP A 19 9.09 -3.73 0.35
CA ASP A 19 9.86 -2.58 -0.07
C ASP A 19 10.38 -1.84 1.15
N GLY A 20 9.68 -2.02 2.26
CA GLY A 20 10.06 -1.36 3.49
C GLY A 20 9.15 -0.19 3.77
N ILE A 21 7.92 -0.25 3.26
CA ILE A 21 6.98 0.85 3.45
C ILE A 21 5.69 0.39 4.11
N THR A 22 5.18 1.23 5.00
CA THR A 22 3.93 0.95 5.70
C THR A 22 2.80 1.75 5.08
N TYR A 23 2.03 1.09 4.23
CA TYR A 23 0.93 1.73 3.53
C TYR A 23 -0.32 1.80 4.39
N GLY A 24 -0.79 3.02 4.62
CA GLY A 24 -1.98 3.23 5.44
C GLY A 24 -3.04 2.22 5.17
N ASN A 25 -3.03 1.69 3.95
CA ASN A 25 -4.02 0.69 3.55
C ASN A 25 -3.58 -0.01 2.26
N ALA A 26 -3.92 -1.29 2.15
CA ALA A 26 -3.58 -2.06 0.97
C ALA A 26 -3.97 -1.31 -0.28
N CYS A 27 -4.99 -0.46 -0.13
CA CYS A 27 -5.47 0.37 -1.22
C CYS A 27 -4.52 1.53 -1.42
N MET A 28 -4.19 2.22 -0.33
CA MET A 28 -3.23 3.29 -0.40
C MET A 28 -2.06 2.74 -1.18
N LEU A 29 -1.80 1.46 -0.91
CA LEU A 29 -0.77 0.71 -1.58
C LEU A 29 -1.01 0.75 -3.06
N LEU A 30 -2.22 0.41 -3.45
CA LEU A 30 -2.59 0.43 -4.84
C LEU A 30 -2.16 1.76 -5.43
N CYS A 31 -2.19 2.81 -4.60
CA CYS A 31 -1.75 4.12 -5.03
C CYS A 31 -0.23 4.13 -5.12
N ALA A 32 0.40 3.37 -4.24
CA ALA A 32 1.84 3.23 -4.23
C ALA A 32 2.30 2.50 -5.48
N SER A 33 1.85 1.26 -5.62
CA SER A 33 2.20 0.48 -6.79
C SER A 33 1.93 1.28 -8.05
N ALA A 34 1.04 2.27 -7.94
CA ALA A 34 0.68 3.12 -9.07
C ALA A 34 1.72 4.20 -9.34
N ARG A 35 2.26 4.80 -8.28
CA ARG A 35 3.25 5.86 -8.44
C ARG A 35 4.09 6.04 -7.17
N SER A 36 4.64 4.94 -6.67
CA SER A 36 5.46 4.98 -5.46
C SER A 36 6.95 5.10 -5.80
N ASP A 37 7.55 3.98 -6.17
CA ASP A 37 8.97 3.96 -6.52
C ASP A 37 9.36 2.62 -7.12
N THR A 38 8.78 1.54 -6.60
CA THR A 38 9.08 0.21 -7.11
C THR A 38 7.91 -0.74 -6.83
N PRO A 39 7.83 -1.85 -7.58
CA PRO A 39 6.77 -2.85 -7.43
C PRO A 39 6.72 -3.42 -6.02
N ILE A 40 5.89 -2.83 -5.16
CA ILE A 40 5.76 -3.29 -3.79
C ILE A 40 4.93 -4.57 -3.71
N GLU A 41 5.16 -5.36 -2.67
CA GLU A 41 4.41 -6.61 -2.49
C GLU A 41 4.12 -6.87 -1.01
N LEU A 42 2.92 -6.51 -0.58
CA LEU A 42 2.51 -6.68 0.81
C LEU A 42 3.15 -7.92 1.43
N VAL A 43 3.38 -7.84 2.73
CA VAL A 43 3.98 -8.94 3.47
C VAL A 43 3.36 -9.10 4.85
N HIS A 44 3.07 -7.98 5.50
CA HIS A 44 2.47 -8.00 6.82
C HIS A 44 1.58 -6.78 7.02
N LYS A 45 0.30 -7.03 7.29
CA LYS A 45 -0.67 -5.96 7.49
C LYS A 45 -0.40 -5.18 8.78
N GLY A 46 0.71 -4.44 8.79
CA GLY A 46 1.07 -3.66 9.94
C GLY A 46 2.42 -3.01 9.75
N ARG A 47 3.00 -2.49 10.82
CA ARG A 47 4.29 -1.84 10.73
C ARG A 47 5.40 -2.88 10.81
N CYS A 48 5.36 -3.83 9.86
CA CYS A 48 6.36 -4.88 9.79
C CYS A 48 6.74 -5.36 11.20
N LYS A 1 -5.09 -3.81 -11.73
CA LYS A 1 -3.67 -4.12 -11.39
C LYS A 1 -2.79 -2.88 -11.48
N PRO A 2 -2.81 -2.20 -12.63
CA PRO A 2 -2.02 -0.98 -12.85
C PRO A 2 -2.37 0.12 -11.86
N ASP A 3 -1.94 1.34 -12.16
CA ASP A 3 -2.21 2.48 -11.31
C ASP A 3 -3.68 2.52 -10.91
N ALA A 4 -3.96 2.21 -9.65
CA ALA A 4 -5.33 2.19 -9.16
C ALA A 4 -5.50 3.17 -8.00
N PRO A 5 -6.72 3.71 -7.84
CA PRO A 5 -7.03 4.65 -6.76
C PRO A 5 -6.86 4.02 -5.39
N CYS A 6 -6.66 4.85 -4.38
CA CYS A 6 -6.48 4.36 -3.01
C CYS A 6 -7.61 4.81 -2.11
N ILE A 7 -8.79 4.22 -2.29
CA ILE A 7 -9.94 4.56 -1.47
C ILE A 7 -10.70 3.33 -1.00
N CYS A 8 -9.99 2.42 -0.35
CA CYS A 8 -10.61 1.20 0.15
C CYS A 8 -11.33 1.50 1.46
N THR A 9 -10.72 2.37 2.25
CA THR A 9 -11.26 2.79 3.52
C THR A 9 -10.46 3.94 4.09
N MET A 10 -11.14 4.88 4.73
CA MET A 10 -10.46 6.01 5.33
C MET A 10 -10.14 5.69 6.78
N GLN A 11 -10.09 4.40 7.10
CA GLN A 11 -9.80 3.96 8.45
C GLN A 11 -8.30 4.03 8.73
N TYR A 12 -7.63 2.88 8.82
CA TYR A 12 -6.21 2.84 9.07
C TYR A 12 -5.69 1.41 9.16
N ASP A 13 -5.55 0.76 8.00
CA ASP A 13 -5.03 -0.59 7.94
C ASP A 13 -3.61 -0.58 7.40
N PRO A 14 -2.68 -0.02 8.18
CA PRO A 14 -1.27 0.08 7.77
C PRO A 14 -0.64 -1.27 7.47
N VAL A 15 -0.61 -1.61 6.19
CA VAL A 15 -0.04 -2.86 5.74
C VAL A 15 1.37 -2.65 5.21
N CYS A 16 2.26 -3.49 5.68
CA CYS A 16 3.65 -3.43 5.29
C CYS A 16 3.86 -4.08 3.93
N GLY A 17 4.33 -3.28 2.98
CA GLY A 17 4.56 -3.79 1.65
C GLY A 17 6.01 -3.95 1.33
N SER A 18 6.32 -5.08 0.70
CA SER A 18 7.68 -5.42 0.30
C SER A 18 8.33 -4.22 -0.33
N ASP A 19 9.07 -3.51 0.50
CA ASP A 19 9.78 -2.30 0.11
C ASP A 19 10.24 -1.58 1.36
N GLY A 20 9.52 -1.83 2.46
CA GLY A 20 9.83 -1.21 3.73
C GLY A 20 8.91 -0.06 4.02
N ILE A 21 7.71 -0.10 3.44
CA ILE A 21 6.75 0.99 3.65
C ILE A 21 5.45 0.49 4.24
N THR A 22 5.03 1.11 5.35
CA THR A 22 3.78 0.75 5.99
C THR A 22 2.65 1.60 5.39
N TYR A 23 1.92 1.00 4.45
CA TYR A 23 0.84 1.68 3.77
C TYR A 23 -0.43 1.70 4.60
N GLY A 24 -0.93 2.90 4.87
CA GLY A 24 -2.13 3.05 5.66
C GLY A 24 -3.20 2.06 5.26
N ASN A 25 -3.12 1.60 4.03
CA ASN A 25 -4.09 0.66 3.52
C ASN A 25 -3.65 0.09 2.17
N ALA A 26 -3.97 -1.18 1.94
CA ALA A 26 -3.62 -1.84 0.70
C ALA A 26 -3.97 -0.94 -0.49
N CYS A 27 -4.96 -0.08 -0.28
CA CYS A 27 -5.38 0.87 -1.30
C CYS A 27 -4.34 1.96 -1.42
N MET A 28 -4.06 2.62 -0.30
CA MET A 28 -3.03 3.64 -0.29
C MET A 28 -1.85 3.06 -1.01
N LEU A 29 -1.70 1.76 -0.81
CA LEU A 29 -0.66 0.99 -1.46
C LEU A 29 -0.84 1.08 -2.94
N LEU A 30 -2.03 0.75 -3.39
CA LEU A 30 -2.33 0.84 -4.79
C LEU A 30 -1.87 2.20 -5.29
N CYS A 31 -1.97 3.19 -4.41
CA CYS A 31 -1.52 4.53 -4.74
C CYS A 31 -0.01 4.56 -4.74
N ALA A 32 0.57 3.77 -3.83
CA ALA A 32 2.02 3.65 -3.70
C ALA A 32 2.61 3.02 -4.95
N SER A 33 2.14 1.81 -5.26
CA SER A 33 2.62 1.10 -6.44
C SER A 33 2.41 1.93 -7.70
N ALA A 34 1.48 2.88 -7.63
CA ALA A 34 1.18 3.72 -8.79
C ALA A 34 2.04 4.99 -8.83
N ARG A 35 2.67 5.34 -7.71
CA ARG A 35 3.49 6.55 -7.66
C ARG A 35 4.84 6.31 -6.99
N SER A 36 5.23 5.05 -6.88
CA SER A 36 6.50 4.70 -6.25
C SER A 36 7.62 4.58 -7.28
N ASP A 37 7.88 3.35 -7.71
CA ASP A 37 8.93 3.09 -8.70
C ASP A 37 9.01 1.60 -8.99
N THR A 38 8.78 0.81 -7.96
CA THR A 38 8.81 -0.65 -8.08
C THR A 38 7.58 -1.25 -7.41
N PRO A 39 6.84 -2.10 -8.13
CA PRO A 39 5.62 -2.74 -7.60
C PRO A 39 5.87 -3.46 -6.28
N ILE A 40 5.63 -2.76 -5.18
CA ILE A 40 5.82 -3.33 -3.86
C ILE A 40 5.03 -4.63 -3.74
N GLU A 41 5.25 -5.37 -2.66
CA GLU A 41 4.55 -6.63 -2.46
C GLU A 41 4.26 -6.88 -0.98
N LEU A 42 3.03 -6.61 -0.56
CA LEU A 42 2.63 -6.81 0.83
C LEU A 42 3.34 -7.98 1.46
N VAL A 43 3.57 -7.88 2.76
CA VAL A 43 4.25 -8.93 3.51
C VAL A 43 3.64 -9.12 4.89
N HIS A 44 3.14 -8.04 5.49
CA HIS A 44 2.54 -8.11 6.81
C HIS A 44 1.60 -6.93 7.03
N LYS A 45 0.33 -7.24 7.31
CA LYS A 45 -0.67 -6.20 7.53
C LYS A 45 -0.42 -5.45 8.84
N GLY A 46 0.66 -4.68 8.86
CA GLY A 46 1.01 -3.91 10.03
C GLY A 46 2.33 -3.21 9.86
N ARG A 47 2.87 -2.66 10.94
CA ARG A 47 4.16 -1.98 10.87
C ARG A 47 5.30 -2.99 10.90
N CYS A 48 5.28 -3.91 9.95
CA CYS A 48 6.31 -4.93 9.86
C CYS A 48 6.71 -5.43 11.24
N LYS A 1 -9.97 5.98 -14.25
CA LYS A 1 -8.85 5.98 -13.29
C LYS A 1 -8.74 4.66 -12.56
N PRO A 2 -7.90 3.74 -13.08
CA PRO A 2 -7.70 2.42 -12.47
C PRO A 2 -7.34 2.51 -10.99
N ASP A 3 -6.82 1.41 -10.45
CA ASP A 3 -6.43 1.37 -9.04
C ASP A 3 -5.09 2.06 -8.82
N ALA A 4 -5.12 3.22 -8.19
CA ALA A 4 -3.91 3.97 -7.91
C ALA A 4 -4.15 4.98 -6.79
N PRO A 5 -4.96 6.02 -7.04
CA PRO A 5 -5.27 7.03 -6.03
C PRO A 5 -5.22 6.46 -4.63
N CYS A 6 -4.73 7.26 -3.69
CA CYS A 6 -4.61 6.80 -2.31
C CYS A 6 -5.80 7.23 -1.47
N ILE A 7 -6.99 6.87 -1.93
CA ILE A 7 -8.22 7.20 -1.23
C ILE A 7 -9.27 6.12 -1.44
N CYS A 8 -9.23 5.12 -0.59
CA CYS A 8 -10.17 4.01 -0.67
C CYS A 8 -11.11 4.04 0.52
N THR A 9 -10.54 4.35 1.67
CA THR A 9 -11.28 4.42 2.91
C THR A 9 -10.41 4.97 4.02
N MET A 10 -10.86 4.76 5.25
CA MET A 10 -10.11 5.19 6.42
C MET A 10 -9.90 4.00 7.35
N GLN A 11 -10.07 2.80 6.80
CA GLN A 11 -9.90 1.57 7.55
C GLN A 11 -8.43 1.36 7.90
N TYR A 12 -7.87 2.32 8.62
CA TYR A 12 -6.48 2.29 9.03
C TYR A 12 -5.92 0.87 9.09
N ASP A 13 -5.47 0.37 7.94
CA ASP A 13 -4.90 -0.96 7.85
C ASP A 13 -3.47 -0.86 7.35
N PRO A 14 -2.61 -0.17 8.11
CA PRO A 14 -1.21 0.03 7.73
C PRO A 14 -0.52 -1.30 7.42
N VAL A 15 -0.56 -1.67 6.16
CA VAL A 15 0.02 -2.90 5.69
C VAL A 15 1.43 -2.67 5.20
N CYS A 16 2.36 -3.40 5.78
CA CYS A 16 3.75 -3.30 5.42
C CYS A 16 4.00 -4.05 4.13
N GLY A 17 4.41 -3.31 3.11
CA GLY A 17 4.65 -3.92 1.82
C GLY A 17 6.11 -4.07 1.51
N SER A 18 6.42 -5.20 0.87
CA SER A 18 7.78 -5.52 0.48
C SER A 18 8.40 -4.34 -0.22
N ASP A 19 9.11 -3.57 0.57
CA ASP A 19 9.78 -2.36 0.12
C ASP A 19 10.31 -1.62 1.34
N GLY A 20 9.63 -1.81 2.46
CA GLY A 20 10.00 -1.17 3.68
C GLY A 20 9.05 -0.05 4.04
N ILE A 21 7.79 -0.20 3.66
CA ILE A 21 6.81 0.84 3.94
C ILE A 21 5.49 0.29 4.47
N THR A 22 4.93 1.00 5.46
CA THR A 22 3.66 0.63 6.04
C THR A 22 2.55 1.48 5.44
N TYR A 23 1.85 0.91 4.48
CA TYR A 23 0.78 1.61 3.77
C TYR A 23 -0.53 1.59 4.55
N GLY A 24 -1.06 2.78 4.82
CA GLY A 24 -2.31 2.93 5.54
C GLY A 24 -3.32 1.86 5.16
N ASN A 25 -3.18 1.34 3.96
CA ASN A 25 -4.07 0.30 3.47
C ASN A 25 -3.64 -0.20 2.10
N ALA A 26 -3.98 -1.45 1.80
CA ALA A 26 -3.64 -2.07 0.52
C ALA A 26 -3.96 -1.14 -0.63
N CYS A 27 -4.90 -0.23 -0.40
CA CYS A 27 -5.30 0.75 -1.41
C CYS A 27 -4.27 1.86 -1.44
N MET A 28 -3.98 2.42 -0.28
CA MET A 28 -2.95 3.45 -0.19
C MET A 28 -1.77 2.93 -0.98
N LEU A 29 -1.57 1.63 -0.82
CA LEU A 29 -0.55 0.90 -1.51
C LEU A 29 -0.71 1.10 -3.00
N LEU A 30 -1.90 0.83 -3.46
CA LEU A 30 -2.21 1.00 -4.86
C LEU A 30 -1.74 2.38 -5.28
N CYS A 31 -1.76 3.33 -4.35
CA CYS A 31 -1.30 4.67 -4.64
C CYS A 31 0.22 4.68 -4.59
N ALA A 32 0.78 3.83 -3.74
CA ALA A 32 2.23 3.71 -3.61
C ALA A 32 2.81 3.16 -4.90
N SER A 33 2.33 2.00 -5.33
CA SER A 33 2.79 1.39 -6.56
C SER A 33 2.36 2.22 -7.77
N ALA A 34 1.40 3.11 -7.55
CA ALA A 34 0.88 3.96 -8.61
C ALA A 34 1.63 5.29 -8.72
N ARG A 35 2.33 5.67 -7.65
CA ARG A 35 3.07 6.93 -7.65
C ARG A 35 4.57 6.72 -7.41
N SER A 36 4.99 5.47 -7.33
CA SER A 36 6.39 5.16 -7.10
C SER A 36 7.04 4.64 -8.39
N ASP A 37 7.52 3.41 -8.37
CA ASP A 37 8.16 2.82 -9.55
C ASP A 37 8.63 1.40 -9.24
N THR A 38 7.88 0.71 -8.39
CA THR A 38 8.22 -0.66 -8.02
C THR A 38 7.00 -1.37 -7.43
N PRO A 39 6.65 -2.54 -7.97
CA PRO A 39 5.50 -3.32 -7.50
C PRO A 39 5.71 -3.88 -6.10
N ILE A 40 5.35 -3.10 -5.09
CA ILE A 40 5.50 -3.53 -3.71
C ILE A 40 4.83 -4.88 -3.50
N GLU A 41 5.29 -5.63 -2.50
CA GLU A 41 4.70 -6.94 -2.23
C GLU A 41 4.44 -7.13 -0.75
N LEU A 42 3.20 -6.88 -0.34
CA LEU A 42 2.80 -7.00 1.07
C LEU A 42 3.61 -8.06 1.77
N VAL A 43 3.84 -7.84 3.07
CA VAL A 43 4.59 -8.77 3.88
C VAL A 43 3.94 -8.98 5.24
N HIS A 44 3.48 -7.88 5.85
CA HIS A 44 2.82 -7.94 7.14
C HIS A 44 1.81 -6.81 7.27
N LYS A 45 0.55 -7.16 7.48
CA LYS A 45 -0.53 -6.18 7.62
C LYS A 45 -0.39 -5.41 8.93
N GLY A 46 0.64 -4.60 9.02
CA GLY A 46 0.89 -3.81 10.22
C GLY A 46 2.15 -2.99 10.06
N ARG A 47 2.65 -2.46 11.16
CA ARG A 47 3.85 -1.66 11.11
C ARG A 47 5.08 -2.53 11.21
N CYS A 48 5.18 -3.46 10.27
CA CYS A 48 6.30 -4.38 10.22
C CYS A 48 6.71 -4.83 11.62
N LYS A 1 -6.78 -5.92 -13.85
CA LYS A 1 -6.38 -5.52 -12.48
C LYS A 1 -5.96 -4.06 -12.43
N PRO A 2 -6.40 -3.34 -11.39
CA PRO A 2 -6.07 -1.92 -11.21
C PRO A 2 -4.64 -1.71 -10.74
N ASP A 3 -4.21 -0.45 -10.67
CA ASP A 3 -2.87 -0.13 -10.24
C ASP A 3 -2.60 1.37 -10.26
N ALA A 4 -3.36 2.12 -9.46
CA ALA A 4 -3.21 3.57 -9.40
C ALA A 4 -4.05 4.16 -8.28
N PRO A 5 -5.38 3.97 -8.32
CA PRO A 5 -6.29 4.50 -7.29
C PRO A 5 -5.94 3.98 -5.91
N CYS A 6 -6.69 4.43 -4.90
CA CYS A 6 -6.43 4.00 -3.54
C CYS A 6 -7.54 4.45 -2.59
N ILE A 7 -8.70 3.83 -2.70
CA ILE A 7 -9.82 4.17 -1.84
C ILE A 7 -10.56 2.93 -1.37
N CYS A 8 -9.92 2.16 -0.51
CA CYS A 8 -10.52 0.95 0.02
C CYS A 8 -11.35 1.29 1.25
N THR A 9 -10.77 2.08 2.13
CA THR A 9 -11.43 2.51 3.36
C THR A 9 -10.59 3.54 4.08
N MET A 10 -11.23 4.24 5.02
CA MET A 10 -10.53 5.23 5.82
C MET A 10 -10.12 4.59 7.14
N GLN A 11 -10.03 3.26 7.11
CA GLN A 11 -9.64 2.49 8.29
C GLN A 11 -8.13 2.30 8.34
N TYR A 12 -7.43 3.41 8.50
CA TYR A 12 -5.96 3.41 8.57
C TYR A 12 -5.41 2.04 8.95
N ASP A 13 -5.26 1.18 7.95
CA ASP A 13 -4.71 -0.16 8.15
C ASP A 13 -3.33 -0.21 7.52
N PRO A 14 -2.36 0.46 8.15
CA PRO A 14 -0.99 0.52 7.65
C PRO A 14 -0.39 -0.85 7.43
N VAL A 15 -0.47 -1.33 6.19
CA VAL A 15 0.06 -2.61 5.81
C VAL A 15 1.43 -2.46 5.20
N CYS A 16 2.36 -3.25 5.70
CA CYS A 16 3.71 -3.24 5.23
C CYS A 16 3.83 -4.01 3.93
N GLY A 17 4.25 -3.31 2.88
CA GLY A 17 4.37 -3.93 1.59
C GLY A 17 5.80 -4.16 1.19
N SER A 18 5.99 -5.31 0.53
CA SER A 18 7.29 -5.73 0.03
C SER A 18 7.97 -4.58 -0.66
N ASP A 19 8.79 -3.89 0.11
CA ASP A 19 9.55 -2.74 -0.35
C ASP A 19 10.14 -2.02 0.84
N GLY A 20 9.47 -2.17 1.98
CA GLY A 20 9.93 -1.55 3.20
C GLY A 20 9.08 -0.34 3.54
N ILE A 21 7.79 -0.40 3.20
CA ILE A 21 6.92 0.72 3.47
C ILE A 21 5.58 0.31 4.08
N THR A 22 5.13 1.09 5.07
CA THR A 22 3.87 0.82 5.74
C THR A 22 2.78 1.68 5.11
N TYR A 23 1.99 1.06 4.24
CA TYR A 23 0.92 1.76 3.53
C TYR A 23 -0.36 1.81 4.36
N GLY A 24 -0.85 3.02 4.58
CA GLY A 24 -2.07 3.22 5.34
C GLY A 24 -3.11 2.19 5.02
N ASN A 25 -3.05 1.65 3.81
CA ASN A 25 -4.00 0.63 3.37
C ASN A 25 -3.56 -0.02 2.06
N ALA A 26 -3.95 -1.28 1.87
CA ALA A 26 -3.61 -2.01 0.66
C ALA A 26 -3.97 -1.17 -0.57
N CYS A 27 -4.93 -0.26 -0.39
CA CYS A 27 -5.35 0.63 -1.44
C CYS A 27 -4.37 1.78 -1.53
N MET A 28 -4.10 2.40 -0.38
CA MET A 28 -3.12 3.46 -0.35
C MET A 28 -1.90 2.94 -1.08
N LEU A 29 -1.71 1.64 -0.90
CA LEU A 29 -0.66 0.92 -1.56
C LEU A 29 -0.80 1.10 -3.05
N LEU A 30 -2.00 0.79 -3.52
CA LEU A 30 -2.29 0.95 -4.92
C LEU A 30 -1.87 2.34 -5.34
N CYS A 31 -1.99 3.30 -4.42
CA CYS A 31 -1.56 4.67 -4.70
C CYS A 31 -0.04 4.71 -4.68
N ALA A 32 0.54 3.86 -3.84
CA ALA A 32 1.98 3.75 -3.72
C ALA A 32 2.55 3.19 -5.02
N SER A 33 2.16 1.97 -5.34
CA SER A 33 2.63 1.34 -6.57
C SER A 33 2.57 2.34 -7.71
N ALA A 34 1.61 3.25 -7.64
CA ALA A 34 1.45 4.27 -8.67
C ALA A 34 2.47 5.41 -8.54
N ARG A 35 2.98 5.63 -7.33
CA ARG A 35 3.95 6.71 -7.11
C ARG A 35 5.03 6.32 -6.10
N SER A 36 5.47 5.07 -6.14
CA SER A 36 6.49 4.61 -5.21
C SER A 36 7.83 4.42 -5.92
N ASP A 37 7.97 3.30 -6.63
CA ASP A 37 9.20 3.02 -7.36
C ASP A 37 9.09 1.67 -8.08
N THR A 38 8.69 0.64 -7.34
CA THR A 38 8.56 -0.69 -7.89
C THR A 38 7.26 -1.35 -7.45
N PRO A 39 6.88 -2.47 -8.08
CA PRO A 39 5.67 -3.21 -7.74
C PRO A 39 5.72 -3.80 -6.34
N ILE A 40 5.28 -3.03 -5.35
CA ILE A 40 5.28 -3.46 -3.96
C ILE A 40 4.38 -4.68 -3.78
N GLU A 41 4.67 -5.50 -2.77
CA GLU A 41 3.88 -6.69 -2.50
C GLU A 41 3.68 -6.92 -1.01
N LEU A 42 2.49 -6.60 -0.51
CA LEU A 42 2.17 -6.76 0.91
C LEU A 42 2.97 -7.88 1.55
N VAL A 43 3.27 -7.72 2.83
CA VAL A 43 4.02 -8.71 3.57
C VAL A 43 3.48 -8.88 4.99
N HIS A 44 3.12 -7.75 5.62
CA HIS A 44 2.56 -7.77 6.97
C HIS A 44 1.64 -6.58 7.16
N LYS A 45 0.37 -6.86 7.45
CA LYS A 45 -0.61 -5.80 7.66
C LYS A 45 -0.35 -5.03 8.94
N GLY A 46 0.75 -4.29 8.96
CA GLY A 46 1.12 -3.51 10.11
C GLY A 46 2.44 -2.80 9.87
N ARG A 47 2.99 -2.19 10.92
CA ARG A 47 4.25 -1.49 10.78
C ARG A 47 5.41 -2.45 10.84
N CYS A 48 5.39 -3.43 9.94
CA CYS A 48 6.45 -4.42 9.86
C CYS A 48 6.87 -4.87 11.26
N LYS A 1 -6.66 -6.88 -12.29
CA LYS A 1 -5.35 -6.61 -11.65
C LYS A 1 -5.04 -5.12 -11.66
N PRO A 2 -5.67 -4.36 -10.76
CA PRO A 2 -5.46 -2.92 -10.65
C PRO A 2 -4.08 -2.56 -10.12
N ASP A 3 -3.78 -1.27 -10.07
CA ASP A 3 -2.49 -0.80 -9.60
C ASP A 3 -2.40 0.73 -9.63
N ALA A 4 -3.39 1.39 -9.05
CA ALA A 4 -3.42 2.85 -9.03
C ALA A 4 -4.36 3.36 -7.93
N PRO A 5 -5.67 3.12 -8.08
CA PRO A 5 -6.67 3.56 -7.11
C PRO A 5 -6.38 3.00 -5.71
N CYS A 6 -6.74 3.77 -4.70
CA CYS A 6 -6.51 3.36 -3.32
C CYS A 6 -7.68 3.74 -2.42
N ILE A 7 -8.75 2.97 -2.49
CA ILE A 7 -9.93 3.23 -1.68
C ILE A 7 -10.45 1.95 -1.03
N CYS A 8 -9.62 1.34 -0.19
CA CYS A 8 -9.99 0.12 0.51
C CYS A 8 -10.65 0.47 1.83
N THR A 9 -10.17 1.54 2.44
CA THR A 9 -10.69 2.01 3.71
C THR A 9 -10.15 3.40 4.02
N MET A 10 -11.05 4.31 4.39
CA MET A 10 -10.66 5.65 4.73
C MET A 10 -10.31 5.75 6.21
N GLN A 11 -10.03 4.59 6.80
CA GLN A 11 -9.66 4.54 8.21
C GLN A 11 -8.15 4.58 8.39
N TYR A 12 -7.54 3.43 8.63
CA TYR A 12 -6.11 3.36 8.81
C TYR A 12 -5.63 1.92 9.08
N ASP A 13 -5.48 1.15 8.01
CA ASP A 13 -5.01 -0.22 8.12
C ASP A 13 -3.60 -0.30 7.57
N PRO A 14 -2.64 0.31 8.29
CA PRO A 14 -1.24 0.34 7.87
C PRO A 14 -0.67 -1.06 7.63
N VAL A 15 -0.52 -1.41 6.36
CA VAL A 15 0.01 -2.69 5.98
C VAL A 15 1.40 -2.54 5.40
N CYS A 16 2.29 -3.39 5.86
CA CYS A 16 3.66 -3.39 5.41
C CYS A 16 3.78 -4.08 4.05
N GLY A 17 4.30 -3.35 3.07
CA GLY A 17 4.44 -3.90 1.74
C GLY A 17 5.87 -4.19 1.38
N SER A 18 6.04 -5.31 0.69
CA SER A 18 7.34 -5.77 0.24
C SER A 18 8.09 -4.65 -0.44
N ASP A 19 8.92 -4.00 0.34
CA ASP A 19 9.73 -2.88 -0.11
C ASP A 19 10.33 -2.19 1.10
N GLY A 20 9.63 -2.31 2.22
CA GLY A 20 10.08 -1.71 3.45
C GLY A 20 9.26 -0.49 3.80
N ILE A 21 7.97 -0.52 3.47
CA ILE A 21 7.11 0.62 3.76
C ILE A 21 5.75 0.22 4.32
N THR A 22 5.32 0.94 5.35
CA THR A 22 4.02 0.68 5.97
C THR A 22 2.96 1.59 5.38
N TYR A 23 2.16 1.04 4.48
CA TYR A 23 1.11 1.78 3.80
C TYR A 23 -0.16 1.84 4.63
N GLY A 24 -0.66 3.04 4.84
CA GLY A 24 -1.86 3.22 5.64
C GLY A 24 -2.90 2.19 5.30
N ASN A 25 -2.89 1.76 4.05
CA ASN A 25 -3.84 0.77 3.58
C ASN A 25 -3.33 0.08 2.31
N ALA A 26 -3.64 -1.20 2.18
CA ALA A 26 -3.22 -1.98 1.02
C ALA A 26 -3.59 -1.26 -0.25
N CYS A 27 -4.61 -0.39 -0.15
CA CYS A 27 -5.06 0.41 -1.27
C CYS A 27 -4.14 1.59 -1.44
N MET A 28 -3.91 2.31 -0.34
CA MET A 28 -2.96 3.42 -0.39
C MET A 28 -1.74 2.91 -1.10
N LEU A 29 -1.49 1.63 -0.87
CA LEU A 29 -0.41 0.92 -1.51
C LEU A 29 -0.59 0.99 -3.00
N LEU A 30 -1.75 0.55 -3.42
CA LEU A 30 -2.09 0.58 -4.83
C LEU A 30 -1.76 1.97 -5.36
N CYS A 31 -1.94 2.96 -4.48
CA CYS A 31 -1.63 4.34 -4.85
C CYS A 31 -0.11 4.53 -4.84
N ALA A 32 0.54 3.80 -3.95
CA ALA A 32 1.99 3.83 -3.82
C ALA A 32 2.63 3.25 -5.07
N SER A 33 2.31 2.00 -5.38
CA SER A 33 2.84 1.36 -6.56
C SER A 33 2.66 2.25 -7.78
N ALA A 34 1.55 2.99 -7.79
CA ALA A 34 1.26 3.90 -8.90
C ALA A 34 1.81 5.30 -8.68
N ARG A 35 2.40 5.54 -7.51
CA ARG A 35 2.96 6.86 -7.20
C ARG A 35 4.47 6.88 -7.36
N SER A 36 5.14 5.90 -6.78
CA SER A 36 6.59 5.81 -6.85
C SER A 36 7.05 5.19 -8.17
N ASP A 37 7.35 3.89 -8.14
CA ASP A 37 7.82 3.20 -9.34
C ASP A 37 8.13 1.73 -9.04
N THR A 38 8.52 1.46 -7.79
CA THR A 38 8.86 0.10 -7.39
C THR A 38 7.60 -0.73 -7.10
N PRO A 39 7.55 -1.95 -7.64
CA PRO A 39 6.41 -2.85 -7.47
C PRO A 39 6.37 -3.49 -6.08
N ILE A 40 5.74 -2.80 -5.13
CA ILE A 40 5.63 -3.29 -3.78
C ILE A 40 4.67 -4.46 -3.70
N GLU A 41 4.84 -5.30 -2.69
CA GLU A 41 3.97 -6.47 -2.50
C GLU A 41 3.75 -6.77 -1.04
N LEU A 42 2.56 -6.42 -0.54
CA LEU A 42 2.21 -6.63 0.86
C LEU A 42 2.97 -7.80 1.48
N VAL A 43 3.23 -7.68 2.77
CA VAL A 43 3.95 -8.72 3.50
C VAL A 43 3.32 -8.98 4.86
N HIS A 44 2.86 -7.91 5.50
CA HIS A 44 2.23 -8.02 6.82
C HIS A 44 1.26 -6.87 7.03
N LYS A 45 0.02 -7.21 7.37
CA LYS A 45 -1.02 -6.21 7.61
C LYS A 45 -0.77 -5.44 8.91
N GLY A 46 0.35 -4.74 8.97
CA GLY A 46 0.68 -3.96 10.15
C GLY A 46 1.99 -3.23 9.98
N ARG A 47 2.57 -2.79 11.08
CA ARG A 47 3.83 -2.07 11.02
C ARG A 47 5.00 -3.06 11.07
N CYS A 48 5.01 -3.99 10.13
CA CYS A 48 6.07 -4.99 10.06
C CYS A 48 6.40 -5.52 11.45
N LYS A 1 -5.69 1.61 -18.98
CA LYS A 1 -4.77 1.54 -17.81
C LYS A 1 -5.43 2.09 -16.56
N PRO A 2 -6.13 1.23 -15.80
CA PRO A 2 -6.81 1.62 -14.56
C PRO A 2 -5.84 2.20 -13.53
N ASP A 3 -6.32 2.31 -12.30
CA ASP A 3 -5.49 2.83 -11.21
C ASP A 3 -6.27 2.88 -9.90
N ALA A 4 -5.55 2.84 -8.78
CA ALA A 4 -6.19 2.88 -7.48
C ALA A 4 -5.56 3.96 -6.60
N PRO A 5 -6.18 5.15 -6.57
CA PRO A 5 -5.69 6.27 -5.76
C PRO A 5 -5.31 5.85 -4.36
N CYS A 6 -4.86 6.81 -3.55
CA CYS A 6 -4.47 6.53 -2.17
C CYS A 6 -5.49 7.07 -1.19
N ILE A 7 -6.76 6.83 -1.49
CA ILE A 7 -7.84 7.29 -0.65
C ILE A 7 -9.04 6.37 -0.76
N CYS A 8 -8.85 5.12 -0.35
CA CYS A 8 -9.92 4.13 -0.40
C CYS A 8 -10.86 4.32 0.78
N THR A 9 -10.27 4.55 1.95
CA THR A 9 -11.02 4.75 3.18
C THR A 9 -10.08 5.17 4.29
N MET A 10 -10.62 5.22 5.50
CA MET A 10 -9.82 5.56 6.66
C MET A 10 -9.71 4.35 7.57
N GLN A 11 -10.00 3.18 7.00
CA GLN A 11 -9.94 1.93 7.74
C GLN A 11 -8.48 1.59 8.06
N TYR A 12 -7.85 2.48 8.80
CA TYR A 12 -6.44 2.33 9.20
C TYR A 12 -5.96 0.89 9.10
N ASP A 13 -5.56 0.48 7.90
CA ASP A 13 -5.06 -0.86 7.68
C ASP A 13 -3.62 -0.78 7.21
N PRO A 14 -2.73 -0.20 8.06
CA PRO A 14 -1.32 -0.03 7.72
C PRO A 14 -0.64 -1.36 7.40
N VAL A 15 -0.58 -1.67 6.12
CA VAL A 15 0.04 -2.90 5.64
C VAL A 15 1.46 -2.65 5.21
N CYS A 16 2.35 -3.45 5.76
CA CYS A 16 3.76 -3.36 5.46
C CYS A 16 4.04 -4.06 4.14
N GLY A 17 4.49 -3.27 3.16
CA GLY A 17 4.76 -3.81 1.85
C GLY A 17 6.24 -3.96 1.57
N SER A 18 6.56 -5.08 0.93
CA SER A 18 7.92 -5.42 0.58
C SER A 18 8.58 -4.25 -0.14
N ASP A 19 9.25 -3.45 0.67
CA ASP A 19 9.96 -2.27 0.19
C ASP A 19 10.44 -1.48 1.40
N GLY A 20 9.72 -1.63 2.51
CA GLY A 20 10.07 -0.93 3.72
C GLY A 20 9.09 0.17 4.02
N ILE A 21 7.82 -0.04 3.65
CA ILE A 21 6.82 1.00 3.88
C ILE A 21 5.50 0.45 4.42
N THR A 22 4.98 1.10 5.46
CA THR A 22 3.71 0.71 6.05
C THR A 22 2.60 1.55 5.45
N TYR A 23 1.90 0.98 4.48
CA TYR A 23 0.84 1.67 3.77
C TYR A 23 -0.47 1.68 4.56
N GLY A 24 -0.98 2.88 4.80
CA GLY A 24 -2.22 3.04 5.54
C GLY A 24 -3.24 1.98 5.20
N ASN A 25 -3.14 1.47 4.00
CA ASN A 25 -4.05 0.42 3.53
C ASN A 25 -3.61 -0.11 2.18
N ALA A 26 -3.92 -1.38 1.93
CA ALA A 26 -3.57 -2.03 0.67
C ALA A 26 -3.94 -1.15 -0.51
N CYS A 27 -4.92 -0.29 -0.29
CA CYS A 27 -5.37 0.64 -1.32
C CYS A 27 -4.34 1.74 -1.47
N MET A 28 -3.99 2.36 -0.35
CA MET A 28 -2.94 3.37 -0.37
C MET A 28 -1.78 2.78 -1.14
N LEU A 29 -1.57 1.50 -0.85
CA LEU A 29 -0.56 0.72 -1.51
C LEU A 29 -0.73 0.81 -3.00
N LEU A 30 -1.94 0.50 -3.43
CA LEU A 30 -2.26 0.57 -4.83
C LEU A 30 -1.81 1.93 -5.36
N CYS A 31 -1.89 2.94 -4.50
CA CYS A 31 -1.45 4.27 -4.88
C CYS A 31 0.06 4.32 -4.84
N ALA A 32 0.64 3.52 -3.95
CA ALA A 32 2.09 3.42 -3.82
C ALA A 32 2.67 2.84 -5.09
N SER A 33 2.18 1.65 -5.46
CA SER A 33 2.63 0.98 -6.67
C SER A 33 2.29 1.82 -7.90
N ALA A 34 1.36 2.74 -7.74
CA ALA A 34 0.91 3.59 -8.84
C ALA A 34 1.72 4.89 -8.97
N ARG A 35 1.98 5.53 -7.85
CA ARG A 35 2.71 6.80 -7.83
C ARG A 35 4.20 6.61 -7.51
N SER A 36 4.59 5.41 -7.14
CA SER A 36 5.99 5.14 -6.82
C SER A 36 6.77 4.80 -8.08
N ASP A 37 7.11 3.54 -8.25
CA ASP A 37 7.86 3.10 -9.42
C ASP A 37 8.16 1.61 -9.34
N THR A 38 8.26 1.10 -8.11
CA THR A 38 8.56 -0.31 -7.89
C THR A 38 7.34 -1.04 -7.36
N PRO A 39 7.10 -2.27 -7.86
CA PRO A 39 5.96 -3.09 -7.45
C PRO A 39 6.15 -3.68 -6.05
N ILE A 40 5.72 -2.94 -5.03
CA ILE A 40 5.83 -3.41 -3.66
C ILE A 40 5.15 -4.75 -3.50
N GLU A 41 5.56 -5.51 -2.49
CA GLU A 41 4.96 -6.82 -2.26
C GLU A 41 4.65 -7.02 -0.78
N LEU A 42 3.39 -6.78 -0.42
CA LEU A 42 2.95 -6.92 0.96
C LEU A 42 3.68 -8.05 1.66
N VAL A 43 3.87 -7.88 2.96
CA VAL A 43 4.55 -8.89 3.76
C VAL A 43 3.86 -9.08 5.11
N HIS A 44 3.39 -7.99 5.69
CA HIS A 44 2.68 -8.04 6.97
C HIS A 44 1.65 -6.93 7.04
N LYS A 45 0.39 -7.30 7.20
CA LYS A 45 -0.69 -6.32 7.28
C LYS A 45 -0.65 -5.54 8.59
N GLY A 46 0.43 -4.77 8.79
CA GLY A 46 0.58 -3.99 9.98
C GLY A 46 1.84 -3.15 9.93
N ARG A 47 2.32 -2.72 11.08
CA ARG A 47 3.54 -1.93 11.13
C ARG A 47 4.75 -2.82 11.28
N CYS A 48 4.92 -3.73 10.32
CA CYS A 48 6.04 -4.65 10.32
C CYS A 48 6.36 -5.13 11.73
N LYS A 1 -4.09 -3.53 -17.09
CA LYS A 1 -4.67 -3.21 -15.77
C LYS A 1 -3.58 -2.89 -14.74
N PRO A 2 -3.18 -1.61 -14.67
CA PRO A 2 -2.15 -1.15 -13.74
C PRO A 2 -2.71 -0.87 -12.34
N ASP A 3 -1.83 -0.48 -11.43
CA ASP A 3 -2.22 -0.17 -10.06
C ASP A 3 -2.06 1.32 -9.78
N ALA A 4 -3.07 1.92 -9.15
CA ALA A 4 -3.03 3.34 -8.84
C ALA A 4 -4.03 3.70 -7.75
N PRO A 5 -5.33 3.54 -8.02
CA PRO A 5 -6.40 3.85 -7.07
C PRO A 5 -6.08 3.36 -5.67
N CYS A 6 -6.73 3.93 -4.67
CA CYS A 6 -6.50 3.56 -3.29
C CYS A 6 -7.63 4.04 -2.39
N ILE A 7 -8.80 3.41 -2.50
CA ILE A 7 -9.94 3.79 -1.70
C ILE A 7 -10.60 2.56 -1.07
N CYS A 8 -9.81 1.78 -0.36
CA CYS A 8 -10.32 0.58 0.30
C CYS A 8 -11.03 0.96 1.59
N THR A 9 -10.47 1.95 2.28
CA THR A 9 -11.03 2.43 3.52
C THR A 9 -10.32 3.67 4.02
N MET A 10 -11.08 4.57 4.62
CA MET A 10 -10.51 5.78 5.17
C MET A 10 -10.23 5.56 6.65
N GLN A 11 -10.03 4.29 7.01
CA GLN A 11 -9.77 3.93 8.40
C GLN A 11 -8.28 4.05 8.74
N TYR A 12 -7.59 2.92 8.79
CA TYR A 12 -6.17 2.93 9.11
C TYR A 12 -5.61 1.51 9.14
N ASP A 13 -5.45 0.91 7.96
CA ASP A 13 -4.89 -0.44 7.87
C ASP A 13 -3.48 -0.38 7.32
N PRO A 14 -2.56 0.20 8.11
CA PRO A 14 -1.16 0.33 7.71
C PRO A 14 -0.51 -1.03 7.46
N VAL A 15 -0.53 -1.44 6.19
CA VAL A 15 0.05 -2.71 5.79
C VAL A 15 1.43 -2.53 5.21
N CYS A 16 2.35 -3.31 5.73
CA CYS A 16 3.72 -3.28 5.29
C CYS A 16 3.88 -4.02 3.97
N GLY A 17 4.35 -3.31 2.96
CA GLY A 17 4.52 -3.91 1.67
C GLY A 17 5.96 -4.06 1.26
N SER A 18 6.22 -5.16 0.57
CA SER A 18 7.55 -5.48 0.09
C SER A 18 8.18 -4.26 -0.52
N ASP A 19 9.00 -3.63 0.31
CA ASP A 19 9.71 -2.41 -0.04
C ASP A 19 10.24 -1.77 1.22
N GLY A 20 9.58 -2.08 2.34
CA GLY A 20 9.97 -1.54 3.62
C GLY A 20 9.11 -0.39 4.03
N ILE A 21 7.86 -0.39 3.54
CA ILE A 21 6.95 0.71 3.88
C ILE A 21 5.61 0.21 4.42
N THR A 22 5.06 0.96 5.37
CA THR A 22 3.77 0.63 5.96
C THR A 22 2.69 1.52 5.36
N TYR A 23 1.97 0.98 4.39
CA TYR A 23 0.92 1.72 3.70
C TYR A 23 -0.37 1.77 4.49
N GLY A 24 -0.84 3.00 4.75
CA GLY A 24 -2.06 3.19 5.50
C GLY A 24 -3.10 2.16 5.17
N ASN A 25 -3.05 1.66 3.94
CA ASN A 25 -4.00 0.65 3.49
C ASN A 25 -3.52 -0.02 2.20
N ALA A 26 -3.85 -1.30 2.03
CA ALA A 26 -3.46 -2.04 0.83
C ALA A 26 -3.81 -1.23 -0.41
N CYS A 27 -4.81 -0.37 -0.27
CA CYS A 27 -5.24 0.49 -1.35
C CYS A 27 -4.27 1.65 -1.45
N MET A 28 -4.03 2.31 -0.32
CA MET A 28 -3.06 3.38 -0.27
C MET A 28 -1.85 2.89 -1.02
N LEU A 29 -1.58 1.60 -0.79
CA LEU A 29 -0.52 0.89 -1.46
C LEU A 29 -0.67 1.04 -2.95
N LEU A 30 -1.82 0.63 -3.43
CA LEU A 30 -2.11 0.73 -4.84
C LEU A 30 -1.72 2.12 -5.31
N CYS A 31 -1.90 3.10 -4.42
CA CYS A 31 -1.52 4.48 -4.73
C CYS A 31 0.00 4.60 -4.65
N ALA A 32 0.59 3.84 -3.73
CA ALA A 32 2.03 3.82 -3.54
C ALA A 32 2.72 3.27 -4.79
N SER A 33 2.31 2.07 -5.19
CA SER A 33 2.88 1.43 -6.38
C SER A 33 2.80 2.38 -7.57
N ALA A 34 1.76 3.20 -7.60
CA ALA A 34 1.57 4.14 -8.70
C ALA A 34 2.38 5.41 -8.52
N ARG A 35 2.88 5.65 -7.31
CA ARG A 35 3.65 6.87 -7.03
C ARG A 35 5.14 6.57 -6.80
N SER A 36 5.46 5.32 -6.51
CA SER A 36 6.85 4.94 -6.26
C SER A 36 7.60 4.67 -7.56
N ASP A 37 7.71 3.39 -7.91
CA ASP A 37 8.41 3.00 -9.13
C ASP A 37 8.40 1.48 -9.30
N THR A 38 8.40 0.77 -8.17
CA THR A 38 8.40 -0.69 -8.19
C THR A 38 7.10 -1.23 -7.60
N PRO A 39 6.61 -2.35 -8.15
CA PRO A 39 5.37 -2.97 -7.70
C PRO A 39 5.49 -3.61 -6.31
N ILE A 40 5.38 -2.77 -5.28
CA ILE A 40 5.47 -3.25 -3.91
C ILE A 40 4.64 -4.52 -3.75
N GLU A 41 4.96 -5.32 -2.73
CA GLU A 41 4.23 -6.56 -2.50
C GLU A 41 3.99 -6.81 -1.02
N LEU A 42 2.75 -6.56 -0.56
CA LEU A 42 2.40 -6.75 0.84
C LEU A 42 3.22 -7.86 1.49
N VAL A 43 3.44 -7.71 2.80
CA VAL A 43 4.20 -8.70 3.56
C VAL A 43 3.60 -8.91 4.93
N HIS A 44 3.13 -7.82 5.55
CA HIS A 44 2.52 -7.88 6.87
C HIS A 44 1.50 -6.77 7.04
N LYS A 45 0.27 -7.15 7.33
CA LYS A 45 -0.81 -6.18 7.52
C LYS A 45 -0.64 -5.40 8.81
N GLY A 46 0.46 -4.66 8.90
CA GLY A 46 0.73 -3.88 10.10
C GLY A 46 1.98 -3.05 9.93
N ARG A 47 2.56 -2.60 11.04
CA ARG A 47 3.77 -1.81 10.98
C ARG A 47 5.00 -2.71 11.04
N CYS A 48 5.09 -3.63 10.10
CA CYS A 48 6.22 -4.53 10.03
C CYS A 48 6.62 -5.03 11.41
N LYS A 1 -2.12 -3.78 -16.20
CA LYS A 1 -1.78 -3.21 -14.87
C LYS A 1 -2.50 -1.89 -14.65
N PRO A 2 -3.78 -1.94 -14.27
CA PRO A 2 -4.59 -0.74 -14.01
C PRO A 2 -3.94 0.20 -13.02
N ASP A 3 -4.71 1.16 -12.53
CA ASP A 3 -4.22 2.14 -11.56
C ASP A 3 -5.27 2.42 -10.50
N ALA A 4 -4.83 2.45 -9.24
CA ALA A 4 -5.75 2.70 -8.13
C ALA A 4 -5.22 3.80 -7.21
N PRO A 5 -5.93 4.93 -7.13
CA PRO A 5 -5.53 6.07 -6.28
C PRO A 5 -5.29 5.64 -4.84
N CYS A 6 -5.25 6.60 -3.93
CA CYS A 6 -5.02 6.31 -2.52
C CYS A 6 -6.22 6.70 -1.67
N ILE A 7 -7.39 6.26 -2.07
CA ILE A 7 -8.60 6.56 -1.33
C ILE A 7 -9.63 5.44 -1.45
N CYS A 8 -9.52 4.47 -0.57
CA CYS A 8 -10.43 3.33 -0.56
C CYS A 8 -11.27 3.37 0.70
N THR A 9 -10.64 3.77 1.79
CA THR A 9 -11.28 3.86 3.09
C THR A 9 -10.37 4.54 4.09
N MET A 10 -10.88 4.76 5.29
CA MET A 10 -10.09 5.38 6.34
C MET A 10 -9.87 4.37 7.46
N GLN A 11 -10.07 3.09 7.13
CA GLN A 11 -9.88 2.01 8.09
C GLN A 11 -8.39 1.76 8.30
N TYR A 12 -7.70 2.80 8.75
CA TYR A 12 -6.26 2.75 9.00
C TYR A 12 -5.75 1.32 9.16
N ASP A 13 -5.50 0.67 8.03
CA ASP A 13 -4.97 -0.68 8.04
C ASP A 13 -3.57 -0.67 7.45
N PRO A 14 -2.64 0.01 8.13
CA PRO A 14 -1.25 0.14 7.68
C PRO A 14 -0.61 -1.22 7.41
N VAL A 15 -0.62 -1.60 6.14
CA VAL A 15 -0.04 -2.86 5.71
C VAL A 15 1.34 -2.64 5.15
N CYS A 16 2.29 -3.37 5.70
CA CYS A 16 3.66 -3.29 5.27
C CYS A 16 3.86 -4.05 3.98
N GLY A 17 4.30 -3.34 2.94
CA GLY A 17 4.47 -3.96 1.66
C GLY A 17 5.91 -4.17 1.26
N SER A 18 6.14 -5.28 0.58
CA SER A 18 7.45 -5.66 0.10
C SER A 18 8.11 -4.49 -0.60
N ASP A 19 8.88 -3.76 0.18
CA ASP A 19 9.60 -2.60 -0.30
C ASP A 19 10.16 -1.83 0.89
N GLY A 20 9.51 -2.02 2.04
CA GLY A 20 9.92 -1.35 3.25
C GLY A 20 9.02 -0.18 3.56
N ILE A 21 7.75 -0.30 3.19
CA ILE A 21 6.81 0.80 3.43
C ILE A 21 5.52 0.33 4.05
N THR A 22 5.04 1.08 5.04
CA THR A 22 3.78 0.77 5.72
C THR A 22 2.66 1.60 5.12
N TYR A 23 1.87 0.96 4.28
CA TYR A 23 0.77 1.62 3.60
C TYR A 23 -0.50 1.63 4.44
N GLY A 24 -0.99 2.83 4.72
CA GLY A 24 -2.20 2.97 5.52
C GLY A 24 -3.24 1.95 5.15
N ASN A 25 -3.19 1.49 3.92
CA ASN A 25 -4.13 0.49 3.43
C ASN A 25 -3.64 -0.14 2.13
N ALA A 26 -3.93 -1.42 1.95
CA ALA A 26 -3.53 -2.13 0.73
C ALA A 26 -3.91 -1.31 -0.49
N CYS A 27 -4.94 -0.49 -0.34
CA CYS A 27 -5.40 0.39 -1.40
C CYS A 27 -4.46 1.57 -1.51
N MET A 28 -4.21 2.22 -0.37
CA MET A 28 -3.26 3.31 -0.35
C MET A 28 -2.03 2.82 -1.09
N LEU A 29 -1.77 1.54 -0.87
CA LEU A 29 -0.70 0.82 -1.53
C LEU A 29 -0.86 0.97 -3.01
N LEU A 30 -2.03 0.60 -3.49
CA LEU A 30 -2.33 0.71 -4.89
C LEU A 30 -1.91 2.08 -5.37
N CYS A 31 -2.02 3.07 -4.49
CA CYS A 31 -1.61 4.42 -4.84
C CYS A 31 -0.09 4.50 -4.74
N ALA A 32 0.46 3.73 -3.81
CA ALA A 32 1.89 3.67 -3.61
C ALA A 32 2.55 3.09 -4.85
N SER A 33 2.14 1.87 -5.21
CA SER A 33 2.68 1.22 -6.39
C SER A 33 2.47 2.09 -7.63
N ALA A 34 1.46 2.95 -7.58
CA ALA A 34 1.14 3.83 -8.70
C ALA A 34 2.11 5.00 -8.82
N ARG A 35 2.61 5.50 -7.69
CA ARG A 35 3.53 6.64 -7.71
C ARG A 35 4.78 6.38 -6.88
N SER A 36 5.16 5.12 -6.74
CA SER A 36 6.35 4.75 -5.97
C SER A 36 7.59 4.67 -6.86
N ASP A 37 7.91 3.45 -7.32
CA ASP A 37 9.06 3.24 -8.17
C ASP A 37 9.19 1.77 -8.53
N THR A 38 8.80 0.90 -7.61
CA THR A 38 8.86 -0.54 -7.83
C THR A 38 7.61 -1.22 -7.29
N PRO A 39 7.17 -2.31 -7.95
CA PRO A 39 5.98 -3.06 -7.54
C PRO A 39 6.08 -3.57 -6.10
N ILE A 40 5.55 -2.78 -5.17
CA ILE A 40 5.58 -3.15 -3.77
C ILE A 40 4.48 -4.17 -3.44
N GLU A 41 4.87 -5.27 -2.83
CA GLU A 41 3.91 -6.32 -2.46
C GLU A 41 3.53 -6.17 -1.00
N LEU A 42 3.08 -7.26 -0.41
CA LEU A 42 2.70 -7.24 1.00
C LEU A 42 3.51 -8.25 1.79
N VAL A 43 3.75 -7.95 3.05
CA VAL A 43 4.53 -8.85 3.90
C VAL A 43 3.93 -8.96 5.29
N HIS A 44 3.38 -7.87 5.80
CA HIS A 44 2.78 -7.87 7.13
C HIS A 44 1.77 -6.74 7.27
N LYS A 45 0.53 -7.10 7.58
CA LYS A 45 -0.53 -6.12 7.74
C LYS A 45 -0.34 -5.28 9.01
N GLY A 46 0.73 -4.49 9.03
CA GLY A 46 1.01 -3.66 10.18
C GLY A 46 2.26 -2.84 9.95
N ARG A 47 2.84 -2.31 11.03
CA ARG A 47 4.05 -1.52 10.90
C ARG A 47 5.28 -2.41 10.95
N CYS A 48 5.34 -3.36 10.03
CA CYS A 48 6.47 -4.28 9.94
C CYS A 48 6.95 -4.67 11.33
N LYS A 1 -2.04 -4.77 -15.85
CA LYS A 1 -1.37 -4.05 -14.72
C LYS A 1 -1.89 -2.63 -14.59
N PRO A 2 -3.14 -2.47 -14.12
CA PRO A 2 -3.76 -1.15 -13.95
C PRO A 2 -3.18 -0.40 -12.77
N ASP A 3 -3.78 0.75 -12.45
CA ASP A 3 -3.33 1.57 -11.33
C ASP A 3 -4.52 2.08 -10.53
N ALA A 4 -4.28 2.45 -9.28
CA ALA A 4 -5.34 2.94 -8.40
C ALA A 4 -4.85 4.08 -7.51
N PRO A 5 -5.76 4.99 -7.13
CA PRO A 5 -5.43 6.12 -6.26
C PRO A 5 -5.23 5.70 -4.81
N CYS A 6 -5.26 6.66 -3.90
CA CYS A 6 -5.07 6.36 -2.49
C CYS A 6 -6.30 6.76 -1.67
N ILE A 7 -7.46 6.31 -2.12
CA ILE A 7 -8.70 6.62 -1.43
C ILE A 7 -9.71 5.47 -1.56
N CYS A 8 -9.52 4.45 -0.74
CA CYS A 8 -10.40 3.29 -0.75
C CYS A 8 -11.35 3.35 0.44
N THR A 9 -10.80 3.81 1.56
CA THR A 9 -11.55 3.93 2.80
C THR A 9 -10.72 4.67 3.84
N MET A 10 -11.13 4.54 5.08
CA MET A 10 -10.41 5.15 6.19
C MET A 10 -10.12 4.09 7.25
N GLN A 11 -10.25 2.83 6.85
CA GLN A 11 -9.99 1.72 7.76
C GLN A 11 -8.50 1.61 8.03
N TYR A 12 -7.93 2.68 8.58
CA TYR A 12 -6.51 2.75 8.89
C TYR A 12 -5.91 1.37 9.13
N ASP A 13 -5.49 0.73 8.04
CA ASP A 13 -4.89 -0.60 8.12
C ASP A 13 -3.48 -0.56 7.54
N PRO A 14 -2.54 0.07 8.24
CA PRO A 14 -1.16 0.20 7.79
C PRO A 14 -0.52 -1.15 7.50
N VAL A 15 -0.54 -1.53 6.22
CA VAL A 15 0.03 -2.79 5.78
C VAL A 15 1.42 -2.56 5.25
N CYS A 16 2.36 -3.32 5.78
CA CYS A 16 3.73 -3.24 5.37
C CYS A 16 3.94 -3.97 4.06
N GLY A 17 4.36 -3.24 3.04
CA GLY A 17 4.55 -3.84 1.74
C GLY A 17 6.01 -4.04 1.40
N SER A 18 6.27 -5.16 0.72
CA SER A 18 7.60 -5.53 0.30
C SER A 18 8.26 -4.38 -0.42
N ASP A 19 9.01 -3.63 0.35
CA ASP A 19 9.73 -2.46 -0.12
C ASP A 19 10.32 -1.72 1.08
N GLY A 20 9.64 -1.88 2.22
CA GLY A 20 10.08 -1.26 3.44
C GLY A 20 9.17 -0.12 3.83
N ILE A 21 7.89 -0.23 3.48
CA ILE A 21 6.96 0.85 3.79
C ILE A 21 5.62 0.35 4.32
N THR A 22 5.10 1.06 5.33
CA THR A 22 3.81 0.72 5.93
C THR A 22 2.73 1.60 5.35
N TYR A 23 1.94 1.02 4.44
CA TYR A 23 0.88 1.75 3.76
C TYR A 23 -0.41 1.74 4.58
N GLY A 24 -0.91 2.95 4.86
CA GLY A 24 -2.14 3.08 5.63
C GLY A 24 -3.17 2.06 5.23
N ASN A 25 -3.08 1.61 3.99
CA ASN A 25 -4.02 0.61 3.48
C ASN A 25 -3.51 -0.02 2.19
N ALA A 26 -3.81 -1.31 2.01
CA ALA A 26 -3.40 -2.02 0.81
C ALA A 26 -3.77 -1.21 -0.42
N CYS A 27 -4.81 -0.39 -0.27
CA CYS A 27 -5.27 0.48 -1.34
C CYS A 27 -4.36 1.68 -1.41
N MET A 28 -4.10 2.30 -0.27
CA MET A 28 -3.16 3.41 -0.23
C MET A 28 -1.94 2.93 -0.98
N LEU A 29 -1.65 1.66 -0.76
CA LEU A 29 -0.58 0.97 -1.43
C LEU A 29 -0.75 1.11 -2.92
N LEU A 30 -1.93 0.75 -3.38
CA LEU A 30 -2.24 0.86 -4.78
C LEU A 30 -1.81 2.23 -5.26
N CYS A 31 -1.93 3.22 -4.37
CA CYS A 31 -1.51 4.58 -4.70
C CYS A 31 0.01 4.65 -4.68
N ALA A 32 0.60 3.86 -3.78
CA ALA A 32 2.04 3.78 -3.66
C ALA A 32 2.63 3.20 -4.92
N SER A 33 2.18 2.00 -5.27
CA SER A 33 2.65 1.33 -6.47
C SER A 33 2.41 2.22 -7.69
N ALA A 34 1.45 3.14 -7.55
CA ALA A 34 1.09 4.04 -8.65
C ALA A 34 1.98 5.29 -8.67
N ARG A 35 2.66 5.57 -7.57
CA ARG A 35 3.53 6.76 -7.50
C ARG A 35 4.89 6.44 -6.91
N SER A 36 5.25 5.16 -6.90
CA SER A 36 6.53 4.74 -6.34
C SER A 36 7.55 4.48 -7.45
N ASP A 37 7.72 3.21 -7.83
CA ASP A 37 8.67 2.85 -8.88
C ASP A 37 8.66 1.34 -9.12
N THR A 38 8.42 0.59 -8.04
CA THR A 38 8.38 -0.87 -8.13
C THR A 38 7.08 -1.41 -7.55
N PRO A 39 6.60 -2.54 -8.07
CA PRO A 39 5.37 -3.17 -7.60
C PRO A 39 5.52 -3.77 -6.21
N ILE A 40 5.29 -2.95 -5.18
CA ILE A 40 5.40 -3.39 -3.80
C ILE A 40 4.61 -4.68 -3.61
N GLU A 41 5.07 -5.53 -2.70
CA GLU A 41 4.40 -6.79 -2.43
C GLU A 41 4.17 -6.98 -0.94
N LEU A 42 2.94 -6.74 -0.48
CA LEU A 42 2.60 -6.87 0.93
C LEU A 42 3.45 -7.91 1.62
N VAL A 43 3.74 -7.66 2.89
CA VAL A 43 4.56 -8.57 3.67
C VAL A 43 3.92 -8.86 5.02
N HIS A 44 3.47 -7.79 5.69
CA HIS A 44 2.83 -7.93 6.99
C HIS A 44 1.81 -6.82 7.20
N LYS A 45 0.57 -7.21 7.48
CA LYS A 45 -0.51 -6.25 7.69
C LYS A 45 -0.33 -5.51 9.01
N GLY A 46 0.70 -4.66 9.07
CA GLY A 46 0.97 -3.88 10.26
C GLY A 46 2.20 -3.02 10.09
N ARG A 47 2.81 -2.62 11.20
CA ARG A 47 4.01 -1.80 11.13
C ARG A 47 5.25 -2.69 11.14
N CYS A 48 5.30 -3.59 10.17
CA CYS A 48 6.43 -4.49 10.04
C CYS A 48 6.89 -4.98 11.41
N LYS A 1 -5.90 -0.37 -15.22
CA LYS A 1 -4.51 -0.57 -15.68
C LYS A 1 -3.54 0.33 -14.92
N PRO A 2 -3.66 1.65 -15.13
CA PRO A 2 -2.79 2.64 -14.47
C PRO A 2 -3.12 2.81 -12.99
N ASP A 3 -2.58 3.87 -12.39
CA ASP A 3 -2.81 4.17 -10.99
C ASP A 3 -4.21 3.77 -10.58
N ALA A 4 -4.33 3.09 -9.45
CA ALA A 4 -5.61 2.66 -8.95
C ALA A 4 -5.99 3.41 -7.68
N PRO A 5 -6.99 4.29 -7.76
CA PRO A 5 -7.44 5.08 -6.61
C PRO A 5 -7.43 4.28 -5.31
N CYS A 6 -6.65 4.77 -4.36
CA CYS A 6 -6.52 4.13 -3.06
C CYS A 6 -7.64 4.56 -2.12
N ILE A 7 -8.82 3.98 -2.32
CA ILE A 7 -9.97 4.30 -1.48
C ILE A 7 -10.65 3.05 -0.97
N CYS A 8 -9.87 2.15 -0.36
CA CYS A 8 -10.41 0.92 0.19
C CYS A 8 -11.06 1.19 1.54
N THR A 9 -10.46 2.11 2.28
CA THR A 9 -10.94 2.50 3.58
C THR A 9 -10.20 3.72 4.09
N MET A 10 -10.95 4.64 4.69
CA MET A 10 -10.35 5.84 5.23
C MET A 10 -10.04 5.64 6.70
N GLN A 11 -9.95 4.39 7.13
CA GLN A 11 -9.67 4.09 8.53
C GLN A 11 -8.16 4.12 8.81
N TYR A 12 -7.53 2.94 8.86
CA TYR A 12 -6.09 2.89 9.12
C TYR A 12 -5.59 1.45 9.17
N ASP A 13 -5.39 0.84 8.01
CA ASP A 13 -4.88 -0.52 7.95
C ASP A 13 -3.47 -0.50 7.39
N PRO A 14 -2.54 0.12 8.14
CA PRO A 14 -1.13 0.22 7.72
C PRO A 14 -0.51 -1.13 7.44
N VAL A 15 -0.57 -1.55 6.19
CA VAL A 15 -0.03 -2.82 5.76
C VAL A 15 1.37 -2.63 5.23
N CYS A 16 2.29 -3.40 5.78
CA CYS A 16 3.67 -3.35 5.38
C CYS A 16 3.86 -4.10 4.07
N GLY A 17 4.28 -3.37 3.05
CA GLY A 17 4.48 -3.98 1.76
C GLY A 17 5.93 -4.21 1.46
N SER A 18 6.19 -5.35 0.83
CA SER A 18 7.51 -5.76 0.46
C SER A 18 8.23 -4.63 -0.24
N ASP A 19 8.98 -3.90 0.54
CA ASP A 19 9.76 -2.76 0.07
C ASP A 19 10.29 -1.99 1.27
N GLY A 20 9.57 -2.12 2.39
CA GLY A 20 9.96 -1.45 3.60
C GLY A 20 9.07 -0.28 3.90
N ILE A 21 7.80 -0.38 3.49
CA ILE A 21 6.87 0.71 3.71
C ILE A 21 5.56 0.25 4.30
N THR A 22 5.04 1.04 5.26
CA THR A 22 3.77 0.74 5.91
C THR A 22 2.68 1.59 5.30
N TYR A 23 1.92 0.98 4.39
CA TYR A 23 0.83 1.68 3.70
C TYR A 23 -0.44 1.69 4.51
N GLY A 24 -0.94 2.88 4.78
CA GLY A 24 -2.17 3.03 5.55
C GLY A 24 -3.21 2.02 5.15
N ASN A 25 -3.10 1.54 3.92
CA ASN A 25 -4.06 0.56 3.42
C ASN A 25 -3.60 -0.03 2.10
N ALA A 26 -3.92 -1.30 1.87
CA ALA A 26 -3.55 -1.98 0.64
C ALA A 26 -3.87 -1.12 -0.56
N CYS A 27 -4.84 -0.23 -0.39
CA CYS A 27 -5.25 0.70 -1.43
C CYS A 27 -4.24 1.81 -1.52
N MET A 28 -3.99 2.46 -0.39
CA MET A 28 -2.98 3.52 -0.36
C MET A 28 -1.78 2.97 -1.08
N LEU A 29 -1.61 1.66 -0.93
CA LEU A 29 -0.55 0.94 -1.58
C LEU A 29 -0.69 1.10 -3.06
N LEU A 30 -1.86 0.77 -3.55
CA LEU A 30 -2.16 0.93 -4.95
C LEU A 30 -1.74 2.33 -5.38
N CYS A 31 -1.81 3.27 -4.44
CA CYS A 31 -1.41 4.63 -4.72
C CYS A 31 0.12 4.72 -4.65
N ALA A 32 0.69 3.88 -3.80
CA ALA A 32 2.13 3.80 -3.63
C ALA A 32 2.78 3.23 -4.88
N SER A 33 2.37 2.01 -5.22
CA SER A 33 2.91 1.35 -6.41
C SER A 33 2.71 2.24 -7.64
N ALA A 34 1.62 2.99 -7.65
CA ALA A 34 1.30 3.88 -8.76
C ALA A 34 1.90 5.27 -8.54
N ARG A 35 2.52 5.47 -7.38
CA ARG A 35 3.13 6.75 -7.05
C ARG A 35 4.62 6.75 -7.37
N SER A 36 5.32 5.73 -6.88
CA SER A 36 6.75 5.61 -7.09
C SER A 36 7.05 4.89 -8.40
N ASP A 37 7.36 3.60 -8.32
CA ASP A 37 7.66 2.81 -9.51
C ASP A 37 8.01 1.36 -9.16
N THR A 38 8.52 1.16 -7.93
CA THR A 38 8.90 -0.18 -7.49
C THR A 38 7.67 -0.98 -7.05
N PRO A 39 7.32 -2.02 -7.82
CA PRO A 39 6.17 -2.88 -7.53
C PRO A 39 6.25 -3.52 -6.14
N ILE A 40 5.65 -2.87 -5.16
CA ILE A 40 5.64 -3.37 -3.79
C ILE A 40 4.79 -4.62 -3.69
N GLU A 41 5.04 -5.44 -2.67
CA GLU A 41 4.28 -6.67 -2.47
C GLU A 41 4.01 -6.91 -0.99
N LEU A 42 2.78 -6.63 -0.55
CA LEU A 42 2.38 -6.81 0.84
C LEU A 42 3.20 -7.91 1.50
N VAL A 43 3.45 -7.75 2.79
CA VAL A 43 4.23 -8.71 3.53
C VAL A 43 3.64 -8.95 4.93
N HIS A 44 3.18 -7.88 5.56
CA HIS A 44 2.57 -7.98 6.88
C HIS A 44 1.54 -6.87 7.07
N LYS A 45 0.31 -7.26 7.39
CA LYS A 45 -0.77 -6.30 7.59
C LYS A 45 -0.59 -5.54 8.90
N GLY A 46 0.47 -4.74 8.98
CA GLY A 46 0.74 -3.97 10.16
C GLY A 46 1.99 -3.13 10.01
N ARG A 47 2.56 -2.70 11.13
CA ARG A 47 3.77 -1.89 11.07
C ARG A 47 5.01 -2.79 11.11
N CYS A 48 5.06 -3.74 10.19
CA CYS A 48 6.20 -4.64 10.11
C CYS A 48 6.60 -5.13 11.50
#